data_5CEA
#
_entry.id   5CEA
#
_cell.length_a   57.430
_cell.length_b   99.640
_cell.length_c   173.700
_cell.angle_alpha   90.000
_cell.angle_beta   90.000
_cell.angle_gamma   90.000
#
_symmetry.space_group_name_H-M   'P 21 21 21'
#
loop_
_entity.id
_entity.type
_entity.pdbx_description
1 polymer Bd3460
2 water water
#
_entity_poly.entity_id   1
_entity_poly.type   'polypeptide(L)'
_entity_poly.pdbx_seq_one_letter_code
;MKKSYLLAALIFFLAGLLHGTAFAMSGKSSKALNEAAEQGDLAKVKNLVQKNKIDLNAQDETGMTPLMNAAMGGNLDIVK
FLLSKKVNLELKNNGGETALAFAVTNDAYDVAEELIKAGANVDIIVAGDEGDTLFMRAAQNNKKTAESILAKNKSLINKA
NTLGETALFAVARYGTPADIDFLIKKGADLKLKNKKGQTALDVAKEASNQDTAKALSKKKLEHHHHHHHH
;
_entity_poly.pdbx_strand_id   A,D,C,B,E
#
# COMPACT_ATOMS: atom_id res chain seq x y z
N SER A 26 6.09 -24.70 3.98
CA SER A 26 4.79 -24.80 3.26
C SER A 26 4.95 -25.32 1.82
N GLY A 27 3.81 -25.60 1.22
CA GLY A 27 3.69 -26.14 -0.12
C GLY A 27 3.71 -25.05 -1.16
N LYS A 28 3.10 -25.35 -2.30
CA LYS A 28 3.17 -24.48 -3.51
C LYS A 28 2.14 -23.37 -3.37
N SER A 29 2.51 -22.14 -3.74
CA SER A 29 1.54 -21.04 -3.98
C SER A 29 1.22 -20.98 -5.50
N SER A 30 0.21 -20.21 -5.90
CA SER A 30 -0.24 -20.13 -7.28
C SER A 30 -0.56 -18.68 -7.61
N LYS A 31 0.18 -18.10 -8.54
CA LYS A 31 -0.18 -16.77 -9.04
C LYS A 31 -1.57 -16.73 -9.67
N ALA A 32 -1.96 -17.78 -10.40
CA ALA A 32 -3.30 -17.80 -11.01
C ALA A 32 -4.40 -17.79 -9.96
N LEU A 33 -4.23 -18.51 -8.86
CA LEU A 33 -5.18 -18.46 -7.78
C LEU A 33 -5.23 -17.08 -7.15
N ASN A 34 -4.06 -16.53 -6.82
CA ASN A 34 -4.02 -15.21 -6.18
C ASN A 34 -4.66 -14.12 -7.01
N GLU A 35 -4.40 -14.14 -8.32
CA GLU A 35 -5.04 -13.20 -9.23
C GLU A 35 -6.56 -13.39 -9.35
N ALA A 36 -7.02 -14.64 -9.44
CA ALA A 36 -8.46 -14.93 -9.49
C ALA A 36 -9.13 -14.47 -8.19
N ALA A 37 -8.45 -14.68 -7.05
CA ALA A 37 -9.02 -14.22 -5.78
C ALA A 37 -9.16 -12.70 -5.73
N GLU A 38 -8.16 -11.99 -6.22
CA GLU A 38 -8.15 -10.52 -6.20
C GLU A 38 -9.20 -10.00 -7.16
N GLN A 39 -9.28 -10.62 -8.32
CA GLN A 39 -10.17 -10.15 -9.38
C GLN A 39 -11.63 -10.55 -9.19
N GLY A 40 -11.89 -11.51 -8.34
CA GLY A 40 -13.26 -11.88 -8.01
C GLY A 40 -13.85 -12.99 -8.90
N ASP A 41 -13.01 -13.89 -9.44
CA ASP A 41 -13.46 -15.01 -10.28
C ASP A 41 -13.67 -16.29 -9.47
N LEU A 42 -14.86 -16.46 -8.92
CA LEU A 42 -15.12 -17.52 -7.95
C LEU A 42 -14.99 -18.91 -8.59
N ALA A 43 -15.57 -19.10 -9.79
CA ALA A 43 -15.46 -20.35 -10.52
C ALA A 43 -14.01 -20.78 -10.76
N LYS A 44 -13.17 -19.84 -11.18
CA LYS A 44 -11.76 -20.15 -11.34
C LYS A 44 -11.08 -20.51 -10.00
N VAL A 45 -11.39 -19.79 -8.92
CA VAL A 45 -10.82 -20.14 -7.61
C VAL A 45 -11.23 -21.61 -7.26
N LYS A 46 -12.52 -21.92 -7.38
CA LYS A 46 -13.01 -23.23 -7.04
C LYS A 46 -12.38 -24.35 -7.87
N ASN A 47 -12.28 -24.15 -9.18
CA ASN A 47 -11.61 -25.11 -10.06
C ASN A 47 -10.16 -25.31 -9.70
N LEU A 48 -9.43 -24.25 -9.41
CA LEU A 48 -8.03 -24.41 -8.98
C LEU A 48 -7.87 -25.11 -7.59
N VAL A 49 -8.75 -24.78 -6.69
CA VAL A 49 -8.62 -25.36 -5.33
C VAL A 49 -9.02 -26.82 -5.33
N GLN A 50 -9.98 -27.21 -6.19
CA GLN A 50 -10.48 -28.59 -6.24
C GLN A 50 -9.38 -29.56 -6.65
N LYS A 51 -8.33 -29.09 -7.32
CA LYS A 51 -7.22 -29.96 -7.69
C LYS A 51 -6.35 -30.40 -6.51
N ASN A 52 -6.51 -29.74 -5.36
CA ASN A 52 -5.72 -29.98 -4.15
C ASN A 52 -4.20 -30.04 -4.43
N LYS A 53 -3.72 -29.08 -5.22
CA LYS A 53 -2.28 -28.99 -5.58
C LYS A 53 -1.62 -27.76 -4.93
N ILE A 54 -2.45 -26.84 -4.49
CA ILE A 54 -1.96 -25.56 -3.88
C ILE A 54 -2.12 -25.56 -2.38
N ASP A 55 -1.08 -25.16 -1.67
CA ASP A 55 -1.18 -24.91 -0.21
C ASP A 55 -1.79 -23.53 -0.04
N LEU A 56 -3.04 -23.47 0.43
CA LEU A 56 -3.75 -22.25 0.56
C LEU A 56 -3.13 -21.23 1.55
N ASN A 57 -2.24 -21.70 2.41
CA ASN A 57 -1.54 -20.81 3.33
C ASN A 57 -0.15 -20.42 2.86
N ALA A 58 0.31 -20.91 1.70
CA ALA A 58 1.60 -20.54 1.21
C ALA A 58 1.59 -19.07 0.75
N GLN A 59 2.65 -18.39 1.16
CA GLN A 59 2.79 -16.95 0.92
C GLN A 59 3.69 -16.75 -0.26
N ASP A 60 3.35 -15.76 -1.10
CA ASP A 60 4.13 -15.47 -2.26
C ASP A 60 5.31 -14.53 -1.88
N GLU A 61 6.02 -14.04 -2.88
CA GLU A 61 7.25 -13.22 -2.68
C GLU A 61 7.02 -11.93 -1.85
N THR A 62 5.81 -11.40 -1.82
CA THR A 62 5.51 -10.20 -1.01
C THR A 62 4.74 -10.56 0.28
N GLY A 63 4.66 -11.86 0.58
CA GLY A 63 3.92 -12.29 1.77
C GLY A 63 2.43 -12.46 1.58
N MET A 64 1.91 -12.36 0.37
CA MET A 64 0.45 -12.40 0.16
C MET A 64 -0.07 -13.85 0.06
N THR A 65 -1.25 -14.08 0.61
CA THR A 65 -2.00 -15.30 0.49
C THR A 65 -3.25 -15.09 -0.40
N PRO A 66 -3.84 -16.16 -0.86
CA PRO A 66 -5.19 -16.06 -1.48
C PRO A 66 -6.23 -15.30 -0.68
N LEU A 67 -6.31 -15.52 0.63
CA LEU A 67 -7.26 -14.84 1.44
C LEU A 67 -7.01 -13.32 1.47
N MET A 68 -5.76 -12.91 1.64
CA MET A 68 -5.44 -11.49 1.61
C MET A 68 -5.84 -10.87 0.29
N ASN A 69 -5.58 -11.58 -0.81
CA ASN A 69 -6.03 -11.12 -2.13
C ASN A 69 -7.57 -11.00 -2.26
N ALA A 70 -8.30 -11.99 -1.81
CA ALA A 70 -9.77 -11.95 -1.80
C ALA A 70 -10.30 -10.76 -0.95
N ALA A 71 -9.67 -10.50 0.20
CA ALA A 71 -10.09 -9.46 1.10
C ALA A 71 -9.78 -8.06 0.53
N MET A 72 -8.55 -7.90 0.02
CA MET A 72 -8.15 -6.65 -0.64
C MET A 72 -9.07 -6.32 -1.79
N GLY A 73 -9.50 -7.32 -2.55
CA GLY A 73 -10.38 -7.07 -3.66
C GLY A 73 -11.82 -6.95 -3.30
N GLY A 74 -12.17 -7.15 -2.02
CA GLY A 74 -13.58 -7.06 -1.56
C GLY A 74 -14.52 -8.17 -2.01
N ASN A 75 -13.99 -9.40 -2.17
CA ASN A 75 -14.75 -10.52 -2.79
C ASN A 75 -15.29 -11.48 -1.75
N LEU A 76 -16.48 -11.13 -1.23
CA LEU A 76 -17.06 -11.87 -0.14
C LEU A 76 -17.21 -13.39 -0.42
N ASP A 77 -17.79 -13.72 -1.59
CA ASP A 77 -17.97 -15.13 -1.98
C ASP A 77 -16.66 -15.98 -1.93
N ILE A 78 -15.59 -15.37 -2.42
CA ILE A 78 -14.30 -16.01 -2.38
C ILE A 78 -13.82 -16.14 -0.97
N VAL A 79 -13.98 -15.10 -0.17
CA VAL A 79 -13.56 -15.14 1.21
C VAL A 79 -14.31 -16.25 1.96
N LYS A 80 -15.60 -16.32 1.77
CA LYS A 80 -16.37 -17.42 2.41
C LYS A 80 -15.93 -18.84 1.98
N PHE A 81 -15.64 -19.00 0.70
CA PHE A 81 -15.11 -20.25 0.20
C PHE A 81 -13.78 -20.61 0.87
N LEU A 82 -12.85 -19.67 0.90
CA LEU A 82 -11.54 -19.89 1.53
C LEU A 82 -11.66 -20.16 3.03
N LEU A 83 -12.59 -19.50 3.69
CA LEU A 83 -12.82 -19.76 5.14
C LEU A 83 -13.39 -21.19 5.34
N SER A 84 -14.11 -21.73 4.38
CA SER A 84 -14.59 -23.12 4.45
C SER A 84 -13.46 -24.13 4.31
N LYS A 85 -12.30 -23.71 3.77
CA LYS A 85 -11.10 -24.50 3.72
C LYS A 85 -10.14 -24.29 4.92
N LYS A 86 -10.56 -23.52 5.92
CA LYS A 86 -9.84 -23.41 7.19
C LYS A 86 -8.47 -22.75 7.07
N VAL A 87 -8.40 -21.78 6.17
CA VAL A 87 -7.17 -21.02 5.97
C VAL A 87 -6.78 -20.24 7.23
N ASN A 88 -5.50 -19.98 7.37
CA ASN A 88 -4.95 -19.23 8.48
C ASN A 88 -5.33 -17.73 8.30
N LEU A 89 -6.03 -17.18 9.28
CA LEU A 89 -6.43 -15.78 9.23
C LEU A 89 -5.34 -14.75 9.58
N GLU A 90 -4.31 -15.17 10.28
CA GLU A 90 -3.38 -14.27 10.92
C GLU A 90 -2.02 -14.14 10.23
N LEU A 91 -1.84 -14.74 9.06
CA LEU A 91 -0.64 -14.47 8.27
C LEU A 91 -0.61 -13.01 7.87
N LYS A 92 0.60 -12.47 7.85
CA LYS A 92 0.81 -11.08 7.47
C LYS A 92 1.62 -11.01 6.19
N ASN A 93 1.28 -10.03 5.33
CA ASN A 93 2.19 -9.74 4.21
C ASN A 93 3.46 -9.00 4.69
N ASN A 94 4.35 -8.64 3.76
CA ASN A 94 5.56 -7.94 4.13
C ASN A 94 5.32 -6.51 4.67
N GLY A 95 4.16 -5.93 4.43
CA GLY A 95 3.75 -4.66 5.05
C GLY A 95 3.13 -4.82 6.43
N GLY A 96 3.02 -6.05 6.92
CA GLY A 96 2.58 -6.30 8.28
C GLY A 96 1.07 -6.40 8.40
N GLU A 97 0.38 -6.52 7.30
CA GLU A 97 -1.12 -6.55 7.32
C GLU A 97 -1.68 -7.98 7.19
N THR A 98 -2.68 -8.26 8.02
CA THR A 98 -3.49 -9.47 7.88
C THR A 98 -4.63 -9.22 6.91
N ALA A 99 -5.32 -10.30 6.57
CA ALA A 99 -6.51 -10.21 5.68
C ALA A 99 -7.59 -9.26 6.18
N LEU A 100 -7.78 -9.21 7.49
CA LEU A 100 -8.75 -8.26 8.09
C LEU A 100 -8.33 -6.81 7.93
N ALA A 101 -7.06 -6.53 8.14
CA ALA A 101 -6.52 -5.16 7.90
C ALA A 101 -6.72 -4.77 6.42
N PHE A 102 -6.47 -5.71 5.50
CA PHE A 102 -6.74 -5.46 4.04
C PHE A 102 -8.18 -5.13 3.79
N ALA A 103 -9.08 -5.85 4.43
CA ALA A 103 -10.51 -5.61 4.22
C ALA A 103 -10.96 -4.23 4.67
N VAL A 104 -10.54 -3.86 5.88
CA VAL A 104 -10.85 -2.55 6.44
C VAL A 104 -10.21 -1.41 5.63
N THR A 105 -8.94 -1.51 5.28
CA THR A 105 -8.25 -0.44 4.55
C THR A 105 -8.73 -0.33 3.09
N ASN A 106 -9.34 -1.39 2.53
CA ASN A 106 -9.92 -1.33 1.22
C ASN A 106 -11.46 -1.18 1.27
N ASP A 107 -12.04 -0.82 2.41
CA ASP A 107 -13.48 -0.47 2.52
C ASP A 107 -14.38 -1.68 2.20
N ALA A 108 -13.88 -2.89 2.47
CA ALA A 108 -14.62 -4.12 2.23
C ALA A 108 -15.23 -4.56 3.55
N TYR A 109 -16.25 -3.84 3.99
CA TYR A 109 -16.75 -4.00 5.35
C TYR A 109 -17.59 -5.25 5.49
N ASP A 110 -18.20 -5.70 4.42
CA ASP A 110 -18.87 -7.02 4.40
C ASP A 110 -17.88 -8.19 4.64
N VAL A 111 -16.73 -8.10 4.00
CA VAL A 111 -15.65 -9.04 4.23
C VAL A 111 -15.12 -8.92 5.67
N ALA A 112 -14.90 -7.68 6.15
CA ALA A 112 -14.39 -7.48 7.50
C ALA A 112 -15.31 -8.19 8.53
N GLU A 113 -16.61 -8.02 8.39
CA GLU A 113 -17.55 -8.63 9.28
C GLU A 113 -17.44 -10.14 9.31
N GLU A 114 -17.37 -10.74 8.12
CA GLU A 114 -17.23 -12.16 8.01
C GLU A 114 -15.95 -12.65 8.68
N LEU A 115 -14.83 -11.96 8.46
CA LEU A 115 -13.58 -12.32 9.09
C LEU A 115 -13.64 -12.18 10.64
N ILE A 116 -14.26 -11.14 11.16
CA ILE A 116 -14.39 -10.95 12.61
C ILE A 116 -15.19 -12.10 13.19
N LYS A 117 -16.29 -12.43 12.50
CA LYS A 117 -17.09 -13.55 12.90
C LYS A 117 -16.32 -14.88 12.96
N ALA A 118 -15.40 -15.06 12.03
CA ALA A 118 -14.62 -16.27 11.96
C ALA A 118 -13.51 -16.28 12.98
N GLY A 119 -13.32 -15.21 13.75
CA GLY A 119 -12.40 -15.17 14.87
C GLY A 119 -11.12 -14.40 14.55
N ALA A 120 -11.07 -13.64 13.45
CA ALA A 120 -9.84 -12.89 13.07
C ALA A 120 -9.50 -11.90 14.18
N ASN A 121 -8.20 -11.78 14.51
CA ASN A 121 -7.73 -10.87 15.56
C ASN A 121 -8.08 -9.39 15.15
N VAL A 122 -8.79 -8.72 16.03
CA VAL A 122 -9.17 -7.28 15.79
C VAL A 122 -8.17 -6.32 16.40
N ASP A 123 -7.28 -6.82 17.24
CA ASP A 123 -6.29 -5.97 17.93
C ASP A 123 -5.04 -5.94 17.08
N ILE A 124 -5.15 -5.24 15.96
CA ILE A 124 -4.09 -5.14 14.98
C ILE A 124 -3.97 -3.65 14.58
N ILE A 125 -2.87 -3.35 13.90
CA ILE A 125 -2.55 -1.97 13.41
C ILE A 125 -2.71 -2.00 11.85
N VAL A 126 -3.24 -0.93 11.30
CA VAL A 126 -3.30 -0.82 9.86
C VAL A 126 -2.04 -0.08 9.36
N ALA A 127 -1.70 -0.32 8.11
CA ALA A 127 -0.52 0.29 7.51
C ALA A 127 -0.69 1.82 7.47
N GLY A 128 0.39 2.54 7.64
CA GLY A 128 0.45 4.00 7.51
C GLY A 128 1.38 4.57 8.55
N ASP A 129 1.72 5.83 8.41
CA ASP A 129 2.67 6.49 9.31
C ASP A 129 2.21 6.58 10.77
N GLU A 130 0.93 6.79 10.98
CA GLU A 130 0.37 7.08 12.33
C GLU A 130 0.20 5.82 13.19
N GLY A 131 0.24 4.63 12.57
CA GLY A 131 0.02 3.36 13.29
C GLY A 131 -1.36 3.31 13.90
N ASP A 132 -2.37 3.77 13.15
CA ASP A 132 -3.72 3.69 13.62
C ASP A 132 -4.13 2.23 13.92
N THR A 133 -4.99 2.06 14.92
CA THR A 133 -5.57 0.77 15.17
C THR A 133 -6.65 0.45 14.16
N LEU A 134 -6.94 -0.87 14.02
CA LEU A 134 -8.06 -1.30 13.20
C LEU A 134 -9.34 -0.58 13.66
N PHE A 135 -9.55 -0.50 14.98
CA PHE A 135 -10.68 0.20 15.55
C PHE A 135 -10.78 1.67 15.08
N MET A 136 -9.69 2.42 15.17
CA MET A 136 -9.66 3.80 14.72
C MET A 136 -10.04 3.95 13.25
N ARG A 137 -9.51 3.07 12.38
CA ARG A 137 -9.84 3.16 10.98
C ARG A 137 -11.32 2.87 10.76
N ALA A 138 -11.85 1.85 11.43
CA ALA A 138 -13.26 1.55 11.29
C ALA A 138 -14.15 2.68 11.85
N ALA A 139 -13.77 3.28 12.95
CA ALA A 139 -14.54 4.33 13.57
C ALA A 139 -14.65 5.55 12.70
N GLN A 140 -13.65 5.78 11.86
CA GLN A 140 -13.72 6.84 10.89
C GLN A 140 -14.68 6.51 9.73
N ASN A 141 -14.84 5.23 9.36
CA ASN A 141 -15.46 4.83 8.09
C ASN A 141 -16.73 4.01 8.14
N ASN A 142 -16.89 3.18 9.17
CA ASN A 142 -18.00 2.26 9.19
C ASN A 142 -18.31 1.97 10.63
N LYS A 143 -19.39 2.60 11.13
CA LYS A 143 -19.74 2.44 12.54
C LYS A 143 -20.08 0.99 12.93
N LYS A 144 -20.75 0.24 12.05
CA LYS A 144 -21.14 -1.10 12.38
C LYS A 144 -19.91 -1.99 12.64
N THR A 145 -18.89 -1.87 11.79
CA THR A 145 -17.62 -2.61 12.00
C THR A 145 -16.88 -2.12 13.25
N ALA A 146 -16.92 -0.83 13.53
CA ALA A 146 -16.33 -0.30 14.73
C ALA A 146 -16.98 -0.91 15.97
N GLU A 147 -18.31 -1.04 15.95
CA GLU A 147 -18.98 -1.71 17.04
C GLU A 147 -18.62 -3.22 17.12
N SER A 148 -18.51 -3.92 15.98
CA SER A 148 -18.15 -5.35 15.98
C SER A 148 -16.82 -5.55 16.62
N ILE A 149 -15.88 -4.65 16.35
CA ILE A 149 -14.57 -4.71 16.93
C ILE A 149 -14.62 -4.53 18.43
N LEU A 150 -15.37 -3.51 18.88
CA LEU A 150 -15.47 -3.30 20.29
C LEU A 150 -16.21 -4.39 21.02
N ALA A 151 -17.17 -5.03 20.37
CA ALA A 151 -17.82 -6.19 21.00
C ALA A 151 -16.78 -7.25 21.32
N LYS A 152 -15.77 -7.42 20.48
CA LYS A 152 -14.73 -8.40 20.76
C LYS A 152 -13.79 -7.94 21.88
N ASN A 153 -13.43 -6.67 21.92
CA ASN A 153 -12.51 -6.15 22.91
C ASN A 153 -12.78 -4.69 23.15
N LYS A 154 -13.58 -4.47 24.17
CA LYS A 154 -14.12 -3.10 24.40
C LYS A 154 -13.02 -2.10 24.74
N SER A 155 -11.88 -2.58 25.26
CA SER A 155 -10.79 -1.69 25.65
C SER A 155 -10.11 -1.07 24.43
N LEU A 156 -10.34 -1.58 23.23
CA LEU A 156 -9.74 -0.98 22.04
C LEU A 156 -10.15 0.47 21.80
N ILE A 157 -11.25 0.91 22.38
CA ILE A 157 -11.68 2.30 22.23
C ILE A 157 -10.56 3.21 22.69
N ASN A 158 -9.80 2.82 23.69
CA ASN A 158 -8.76 3.67 24.26
C ASN A 158 -7.33 3.26 23.86
N LYS A 159 -7.16 2.41 22.88
CA LYS A 159 -5.82 2.01 22.45
C LYS A 159 -5.28 3.04 21.44
N ALA A 160 -4.11 3.60 21.75
CA ALA A 160 -3.63 4.80 21.04
C ALA A 160 -2.77 4.40 19.88
N ASN A 161 -2.70 5.30 18.91
CA ASN A 161 -1.79 5.12 17.80
C ASN A 161 -0.37 5.60 18.16
N THR A 162 0.50 5.75 17.18
CA THR A 162 1.91 6.03 17.45
C THR A 162 2.15 7.46 17.97
N LEU A 163 1.19 8.36 17.71
CA LEU A 163 1.21 9.71 18.25
C LEU A 163 0.55 9.80 19.64
N GLY A 164 0.08 8.69 20.17
CA GLY A 164 -0.63 8.70 21.46
C GLY A 164 -2.07 9.11 21.35
N GLU A 165 -2.65 9.10 20.14
CA GLU A 165 -4.05 9.54 19.96
C GLU A 165 -4.94 8.34 19.71
N THR A 166 -6.15 8.47 20.21
CA THR A 166 -7.24 7.53 20.00
C THR A 166 -8.26 8.17 19.04
N ALA A 167 -9.32 7.43 18.73
CA ALA A 167 -10.45 7.93 17.88
C ALA A 167 -11.09 9.25 18.35
N LEU A 168 -11.11 9.49 19.67
CA LEU A 168 -11.69 10.69 20.25
C LEU A 168 -10.96 11.97 19.81
N PHE A 169 -9.65 11.83 19.56
CA PHE A 169 -8.84 13.03 19.21
C PHE A 169 -9.24 13.58 17.84
N ALA A 170 -9.40 12.71 16.87
CA ALA A 170 -9.84 13.16 15.53
C ALA A 170 -11.22 13.85 15.53
N VAL A 171 -12.15 13.28 16.29
CA VAL A 171 -13.46 13.87 16.46
C VAL A 171 -13.40 15.20 17.25
N ALA A 172 -12.57 15.26 18.30
CA ALA A 172 -12.38 16.49 19.05
C ALA A 172 -11.96 17.67 18.15
N ARG A 173 -10.99 17.40 17.28
CA ARG A 173 -10.56 18.42 16.32
C ARG A 173 -11.62 18.80 15.29
N TYR A 174 -12.15 17.80 14.59
CA TYR A 174 -12.83 18.02 13.32
C TYR A 174 -14.25 17.61 13.26
N GLY A 175 -14.75 17.02 14.33
CA GLY A 175 -16.05 16.35 14.34
C GLY A 175 -17.10 17.18 15.05
N THR A 176 -18.18 16.52 15.44
CA THR A 176 -19.31 17.13 16.05
C THR A 176 -19.60 16.55 17.45
N PRO A 177 -20.43 17.27 18.24
CA PRO A 177 -20.82 16.74 19.56
C PRO A 177 -21.50 15.35 19.50
N ALA A 178 -22.30 15.06 18.48
CA ALA A 178 -22.84 13.70 18.33
C ALA A 178 -21.74 12.59 18.25
N ASP A 179 -20.63 12.89 17.55
CA ASP A 179 -19.52 11.95 17.40
C ASP A 179 -18.82 11.75 18.77
N ILE A 180 -18.68 12.87 19.50
CA ILE A 180 -18.11 12.80 20.86
C ILE A 180 -18.96 11.88 21.71
N ASP A 181 -20.27 12.10 21.70
CA ASP A 181 -21.21 11.26 22.46
C ASP A 181 -21.09 9.79 22.14
N PHE A 182 -21.01 9.43 20.87
CA PHE A 182 -20.83 8.02 20.44
C PHE A 182 -19.62 7.34 21.16
N LEU A 183 -18.46 8.00 21.13
CA LEU A 183 -17.24 7.41 21.66
C LEU A 183 -17.26 7.41 23.19
N ILE A 184 -17.77 8.47 23.81
CA ILE A 184 -17.90 8.51 25.29
C ILE A 184 -18.83 7.45 25.79
N LYS A 185 -19.95 7.27 25.10
CA LYS A 185 -20.91 6.17 25.42
C LYS A 185 -20.23 4.78 25.34
N LYS A 186 -19.28 4.60 24.43
CA LYS A 186 -18.52 3.33 24.32
C LYS A 186 -17.30 3.23 25.27
N GLY A 187 -17.10 4.22 26.14
CA GLY A 187 -16.07 4.16 27.17
C GLY A 187 -14.80 4.93 26.89
N ALA A 188 -14.81 5.84 25.92
CA ALA A 188 -13.62 6.62 25.65
C ALA A 188 -13.24 7.42 26.92
N ASP A 189 -11.96 7.40 27.29
CA ASP A 189 -11.49 7.97 28.54
C ASP A 189 -10.95 9.38 28.18
N LEU A 190 -11.65 10.40 28.63
CA LEU A 190 -11.27 11.75 28.27
C LEU A 190 -9.97 12.23 28.86
N LYS A 191 -9.49 11.60 29.93
CA LYS A 191 -8.26 12.00 30.58
C LYS A 191 -6.97 11.59 29.84
N LEU A 192 -7.06 10.73 28.84
CA LEU A 192 -5.85 10.24 28.14
C LEU A 192 -5.11 11.29 27.41
N LYS A 193 -3.79 11.23 27.49
CA LYS A 193 -2.95 12.27 26.89
C LYS A 193 -2.14 11.69 25.73
N ASN A 194 -1.99 12.49 24.69
CA ASN A 194 -1.16 12.10 23.57
C ASN A 194 0.31 12.33 23.91
N LYS A 195 1.22 12.08 22.97
CA LYS A 195 2.66 12.19 23.26
C LYS A 195 3.14 13.62 23.44
N LYS A 196 2.33 14.58 23.01
CA LYS A 196 2.57 15.99 23.34
C LYS A 196 2.01 16.42 24.72
N GLY A 197 1.36 15.51 25.46
CA GLY A 197 0.80 15.81 26.76
C GLY A 197 -0.57 16.46 26.69
N GLN A 198 -1.25 16.33 25.54
CA GLN A 198 -2.55 16.92 25.32
C GLN A 198 -3.68 15.93 25.49
N THR A 199 -4.80 16.40 26.04
CA THR A 199 -6.03 15.63 26.06
C THR A 199 -6.87 15.94 24.82
N ALA A 200 -7.91 15.16 24.62
CA ALA A 200 -8.88 15.45 23.54
C ALA A 200 -9.48 16.85 23.65
N LEU A 201 -9.83 17.24 24.88
CA LEU A 201 -10.29 18.63 25.15
C LEU A 201 -9.25 19.67 24.72
N ASP A 202 -7.99 19.44 25.05
CA ASP A 202 -6.90 20.33 24.61
C ASP A 202 -6.83 20.47 23.09
N VAL A 203 -6.97 19.38 22.34
CA VAL A 203 -6.86 19.45 20.88
C VAL A 203 -8.13 20.07 20.28
N ALA A 204 -9.28 19.90 20.96
CA ALA A 204 -10.49 20.59 20.51
C ALA A 204 -10.28 22.10 20.62
N LYS A 205 -9.75 22.55 21.75
CA LYS A 205 -9.50 23.95 21.98
C LYS A 205 -8.49 24.48 20.96
N GLU A 206 -7.41 23.73 20.69
CA GLU A 206 -6.40 24.17 19.71
C GLU A 206 -7.00 24.32 18.31
N ALA A 207 -7.96 23.46 17.98
CA ALA A 207 -8.64 23.46 16.68
C ALA A 207 -9.78 24.46 16.63
N SER A 208 -10.01 25.22 17.71
CA SER A 208 -11.10 26.22 17.79
C SER A 208 -12.47 25.52 17.57
N ASN A 209 -12.58 24.26 17.94
CA ASN A 209 -13.82 23.52 17.83
C ASN A 209 -14.57 23.72 19.14
N GLN A 210 -15.37 24.78 19.18
CA GLN A 210 -16.03 25.14 20.45
C GLN A 210 -17.12 24.16 20.79
N ASP A 211 -17.78 23.58 19.80
CA ASP A 211 -18.86 22.63 20.05
C ASP A 211 -18.34 21.36 20.68
N THR A 212 -17.24 20.81 20.17
CA THR A 212 -16.73 19.55 20.74
C THR A 212 -16.10 19.84 22.10
N ALA A 213 -15.52 21.01 22.25
CA ALA A 213 -14.90 21.36 23.53
C ALA A 213 -15.97 21.42 24.63
N LYS A 214 -17.12 22.06 24.31
CA LYS A 214 -18.25 22.13 25.22
C LYS A 214 -18.80 20.73 25.58
N ALA A 215 -18.92 19.85 24.58
CA ALA A 215 -19.36 18.45 24.80
C ALA A 215 -18.39 17.65 25.66
N LEU A 216 -17.08 17.84 25.44
CA LEU A 216 -16.07 17.22 26.28
C LEU A 216 -16.06 17.80 27.72
N SER A 217 -16.33 19.09 27.85
CA SER A 217 -16.32 19.75 29.18
C SER A 217 -17.47 19.30 30.08
N LYS A 218 -18.62 18.92 29.55
CA LYS A 218 -19.79 18.54 30.40
C LYS A 218 -19.49 17.26 31.24
N SER B 26 15.81 -18.53 -0.60
CA SER B 26 17.03 -18.06 0.11
C SER B 26 17.23 -18.81 1.44
N GLY B 27 18.41 -18.57 2.00
CA GLY B 27 18.80 -19.19 3.26
C GLY B 27 18.26 -18.42 4.45
N LYS B 28 18.94 -18.58 5.56
CA LYS B 28 18.48 -18.08 6.85
C LYS B 28 18.81 -16.62 6.96
N SER B 29 17.88 -15.83 7.49
CA SER B 29 18.15 -14.45 7.95
C SER B 29 18.37 -14.51 9.47
N SER B 30 18.90 -13.44 10.03
CA SER B 30 19.30 -13.43 11.47
C SER B 30 18.87 -12.11 12.05
N LYS B 31 17.95 -12.16 13.02
CA LYS B 31 17.58 -10.95 13.80
C LYS B 31 18.76 -10.33 14.53
N ALA B 32 19.62 -11.17 15.10
CA ALA B 32 20.83 -10.65 15.77
C ALA B 32 21.76 -9.88 14.81
N LEU B 33 21.98 -10.40 13.59
CA LEU B 33 22.81 -9.71 12.60
C LEU B 33 22.15 -8.37 12.21
N ASN B 34 20.86 -8.41 11.88
CA ASN B 34 20.16 -7.20 11.48
C ASN B 34 20.22 -6.12 12.54
N GLU B 35 20.02 -6.50 13.80
CA GLU B 35 20.08 -5.55 14.90
C GLU B 35 21.49 -4.97 15.11
N ALA B 36 22.49 -5.81 15.08
CA ALA B 36 23.90 -5.36 15.14
C ALA B 36 24.24 -4.41 13.97
N ALA B 37 23.74 -4.68 12.76
CA ALA B 37 23.99 -3.82 11.62
C ALA B 37 23.35 -2.44 11.79
N GLU B 38 22.12 -2.41 12.33
CA GLU B 38 21.41 -1.18 12.62
C GLU B 38 22.07 -0.41 13.73
N GLN B 39 22.48 -1.10 14.78
CA GLN B 39 23.04 -0.43 15.97
C GLN B 39 24.49 0.00 15.79
N GLY B 40 25.18 -0.53 14.80
CA GLY B 40 26.53 -0.12 14.51
C GLY B 40 27.60 -0.93 15.24
N ASP B 41 27.32 -2.21 15.53
CA ASP B 41 28.27 -3.09 16.25
C ASP B 41 29.04 -3.95 15.24
N LEU B 42 30.16 -3.40 14.76
CA LEU B 42 30.90 -4.03 13.68
C LEU B 42 31.41 -5.43 14.08
N ALA B 43 32.03 -5.53 15.25
CA ALA B 43 32.60 -6.80 15.72
C ALA B 43 31.54 -7.89 15.74
N LYS B 44 30.35 -7.57 16.24
CA LYS B 44 29.25 -8.52 16.29
C LYS B 44 28.80 -8.94 14.88
N VAL B 45 28.77 -8.00 13.95
CA VAL B 45 28.46 -8.30 12.56
C VAL B 45 29.50 -9.28 12.03
N LYS B 46 30.78 -8.95 12.22
CA LYS B 46 31.81 -9.78 11.66
C LYS B 46 31.79 -11.18 12.26
N ASN B 47 31.67 -11.26 13.58
CA ASN B 47 31.64 -12.57 14.24
C ASN B 47 30.51 -13.44 13.68
N LEU B 48 29.33 -12.86 13.53
CA LEU B 48 28.21 -13.65 12.98
C LEU B 48 28.40 -14.03 11.52
N VAL B 49 28.95 -13.13 10.71
CA VAL B 49 29.16 -13.44 9.31
C VAL B 49 30.27 -14.49 9.11
N GLN B 50 31.29 -14.49 9.98
CA GLN B 50 32.40 -15.43 9.87
C GLN B 50 31.92 -16.89 9.97
N LYS B 51 30.76 -17.13 10.60
CA LYS B 51 30.26 -18.51 10.77
C LYS B 51 29.69 -19.07 9.49
N ASN B 52 29.48 -18.22 8.51
CA ASN B 52 28.89 -18.59 7.20
C ASN B 52 27.61 -19.43 7.35
N LYS B 53 26.73 -19.02 8.27
CA LYS B 53 25.44 -19.67 8.49
C LYS B 53 24.26 -18.83 8.00
N ILE B 54 24.49 -17.55 7.79
CA ILE B 54 23.47 -16.62 7.39
C ILE B 54 23.58 -16.25 5.91
N ASP B 55 22.45 -16.27 5.21
CA ASP B 55 22.40 -15.76 3.83
C ASP B 55 22.26 -14.24 3.95
N LEU B 56 23.30 -13.53 3.53
CA LEU B 56 23.32 -12.08 3.65
C LEU B 56 22.28 -11.34 2.77
N ASN B 57 21.73 -12.02 1.80
CA ASN B 57 20.71 -11.49 0.99
C ASN B 57 19.31 -11.92 1.37
N ALA B 58 19.18 -12.75 2.41
CA ALA B 58 17.82 -13.14 2.84
C ALA B 58 17.17 -11.94 3.52
N GLN B 59 15.92 -11.76 3.17
CA GLN B 59 15.10 -10.68 3.67
C GLN B 59 14.21 -11.15 4.79
N ASP B 60 14.02 -10.30 5.79
CA ASP B 60 13.19 -10.65 6.92
C ASP B 60 11.71 -10.39 6.63
N GLU B 61 10.87 -10.48 7.65
CA GLU B 61 9.42 -10.35 7.46
C GLU B 61 8.92 -9.00 6.96
N THR B 62 9.69 -7.91 7.08
CA THR B 62 9.34 -6.64 6.44
C THR B 62 10.18 -6.34 5.22
N GLY B 63 10.90 -7.34 4.73
CA GLY B 63 11.77 -7.10 3.56
C GLY B 63 13.14 -6.56 3.82
N MET B 64 13.57 -6.45 5.08
CA MET B 64 14.84 -5.84 5.38
C MET B 64 15.97 -6.81 5.23
N THR B 65 17.10 -6.33 4.74
CA THR B 65 18.37 -7.04 4.77
C THR B 65 19.39 -6.40 5.74
N PRO B 66 20.51 -7.11 6.02
CA PRO B 66 21.58 -6.51 6.80
C PRO B 66 22.11 -5.23 6.20
N LEU B 67 22.26 -5.16 4.88
CA LEU B 67 22.73 -3.95 4.24
C LEU B 67 21.78 -2.78 4.48
N MET B 68 20.48 -3.01 4.31
CA MET B 68 19.50 -1.94 4.56
C MET B 68 19.55 -1.45 6.01
N ASN B 69 19.68 -2.38 6.93
CA ASN B 69 19.86 -1.99 8.33
C ASN B 69 21.12 -1.16 8.58
N ALA B 70 22.25 -1.58 8.03
CA ALA B 70 23.50 -0.84 8.14
C ALA B 70 23.40 0.57 7.54
N ALA B 71 22.71 0.68 6.39
CA ALA B 71 22.52 1.98 5.77
C ALA B 71 21.58 2.90 6.56
N MET B 72 20.46 2.32 7.00
CA MET B 72 19.48 3.08 7.79
C MET B 72 20.11 3.62 9.06
N GLY B 73 20.98 2.86 9.69
CA GLY B 73 21.62 3.28 10.90
C GLY B 73 22.84 4.15 10.67
N GLY B 74 23.24 4.39 9.42
CA GLY B 74 24.40 5.26 9.10
C GLY B 74 25.76 4.69 9.42
N ASN B 75 25.91 3.37 9.32
CA ASN B 75 27.15 2.67 9.77
C ASN B 75 28.08 2.32 8.62
N LEU B 76 28.93 3.28 8.26
CA LEU B 76 29.84 3.16 7.10
C LEU B 76 30.75 1.93 7.14
N ASP B 77 31.40 1.67 8.28
CA ASP B 77 32.26 0.48 8.47
C ASP B 77 31.54 -0.89 8.17
N ILE B 78 30.32 -0.99 8.67
CA ILE B 78 29.51 -2.19 8.42
C ILE B 78 29.13 -2.27 6.96
N VAL B 79 28.72 -1.15 6.38
CA VAL B 79 28.35 -1.11 4.94
C VAL B 79 29.54 -1.58 4.09
N LYS B 80 30.73 -1.05 4.36
CA LYS B 80 31.89 -1.48 3.64
C LYS B 80 32.17 -3.02 3.77
N PHE B 81 32.04 -3.54 4.98
CA PHE B 81 32.25 -4.93 5.23
C PHE B 81 31.26 -5.74 4.38
N LEU B 82 29.98 -5.37 4.43
CA LEU B 82 28.98 -6.14 3.66
C LEU B 82 29.22 -6.06 2.16
N LEU B 83 29.66 -4.92 1.68
CA LEU B 83 29.97 -4.75 0.28
C LEU B 83 31.09 -5.66 -0.13
N SER B 84 32.04 -5.92 0.77
CA SER B 84 33.14 -6.86 0.45
C SER B 84 32.62 -8.27 0.29
N LYS B 85 31.43 -8.58 0.83
CA LYS B 85 30.81 -9.90 0.65
CA LYS B 85 30.81 -9.90 0.64
C LYS B 85 29.91 -9.97 -0.59
N LYS B 86 29.93 -8.93 -1.41
CA LYS B 86 29.19 -8.90 -2.69
C LYS B 86 27.66 -9.05 -2.55
N VAL B 87 27.14 -8.47 -1.51
CA VAL B 87 25.69 -8.46 -1.30
C VAL B 87 24.95 -7.80 -2.44
N ASN B 88 23.69 -8.18 -2.61
CA ASN B 88 22.80 -7.55 -3.57
C ASN B 88 22.43 -6.13 -3.12
N LEU B 89 22.73 -5.13 -3.95
CA LEU B 89 22.44 -3.69 -3.60
C LEU B 89 21.03 -3.28 -3.84
N GLU B 90 20.31 -4.05 -4.63
CA GLU B 90 19.02 -3.57 -5.20
C GLU B 90 17.82 -4.21 -4.57
N LEU B 91 17.98 -5.04 -3.54
CA LEU B 91 16.82 -5.58 -2.87
C LEU B 91 16.02 -4.45 -2.25
N LYS B 92 14.71 -4.61 -2.18
CA LYS B 92 13.82 -3.58 -1.64
C LYS B 92 13.01 -4.09 -0.48
N ASN B 93 12.76 -3.21 0.51
CA ASN B 93 11.92 -3.58 1.61
C ASN B 93 10.47 -3.44 1.17
N ASN B 94 9.53 -3.66 2.06
CA ASN B 94 8.11 -3.57 1.65
CA ASN B 94 8.11 -3.55 1.61
C ASN B 94 7.68 -2.17 1.15
N GLY B 95 8.38 -1.16 1.67
CA GLY B 95 8.12 0.21 1.30
C GLY B 95 8.75 0.58 -0.03
N GLY B 96 9.44 -0.38 -0.67
CA GLY B 96 10.00 -0.21 -1.97
C GLY B 96 11.36 0.44 -1.95
N GLU B 97 12.02 0.51 -0.79
CA GLU B 97 13.29 1.20 -0.67
C GLU B 97 14.51 0.25 -0.69
N THR B 98 15.53 0.65 -1.44
CA THR B 98 16.77 -0.01 -1.42
C THR B 98 17.64 0.54 -0.33
N ALA B 99 18.77 -0.12 -0.09
CA ALA B 99 19.73 0.36 0.87
C ALA B 99 20.19 1.83 0.63
N LEU B 100 20.36 2.20 -0.63
CA LEU B 100 20.73 3.57 -0.96
C LEU B 100 19.61 4.56 -0.54
N ALA B 101 18.36 4.23 -0.85
CA ALA B 101 17.25 5.06 -0.43
C ALA B 101 17.24 5.24 1.10
N PHE B 102 17.51 4.16 1.85
CA PHE B 102 17.59 4.25 3.29
C PHE B 102 18.67 5.22 3.72
N ALA B 103 19.80 5.15 3.07
CA ALA B 103 20.91 6.02 3.45
C ALA B 103 20.54 7.47 3.26
N VAL B 104 19.99 7.80 2.08
CA VAL B 104 19.65 9.15 1.75
C VAL B 104 18.52 9.66 2.65
N THR B 105 17.50 8.87 2.88
CA THR B 105 16.36 9.28 3.74
C THR B 105 16.74 9.38 5.22
N ASN B 106 17.81 8.72 5.64
CA ASN B 106 18.24 8.81 7.08
C ASN B 106 19.46 9.72 7.21
N ASP B 107 19.76 10.51 6.18
CA ASP B 107 20.85 11.51 6.25
C ASP B 107 22.23 10.90 6.48
N ALA B 108 22.44 9.68 5.98
CA ALA B 108 23.72 8.97 6.06
C ALA B 108 24.45 9.16 4.72
N TYR B 109 24.92 10.40 4.50
CA TYR B 109 25.41 10.76 3.16
C TYR B 109 26.79 10.15 2.90
N ASP B 110 27.59 9.85 3.93
CA ASP B 110 28.83 9.03 3.75
C ASP B 110 28.56 7.60 3.23
N VAL B 111 27.50 7.00 3.76
CA VAL B 111 27.05 5.73 3.27
C VAL B 111 26.55 5.83 1.85
N ALA B 112 25.75 6.85 1.58
CA ALA B 112 25.20 6.99 0.24
C ALA B 112 26.28 7.07 -0.79
N GLU B 113 27.29 7.87 -0.50
CA GLU B 113 28.42 8.01 -1.41
C GLU B 113 29.14 6.69 -1.67
N GLU B 114 29.37 5.91 -0.63
CA GLU B 114 29.98 4.56 -0.80
C GLU B 114 29.13 3.60 -1.66
N LEU B 115 27.82 3.60 -1.44
CA LEU B 115 26.93 2.79 -2.25
C LEU B 115 26.91 3.23 -3.70
N ILE B 116 26.91 4.53 -3.96
CA ILE B 116 26.89 5.05 -5.35
C ILE B 116 28.17 4.61 -6.03
N LYS B 117 29.28 4.76 -5.32
CA LYS B 117 30.57 4.28 -5.82
C LYS B 117 30.58 2.78 -6.16
N ALA B 118 29.91 1.98 -5.35
CA ALA B 118 29.84 0.55 -5.55
C ALA B 118 28.88 0.17 -6.69
N GLY B 119 28.19 1.13 -7.27
CA GLY B 119 27.36 0.91 -8.46
C GLY B 119 25.87 0.82 -8.13
N ALA B 120 25.45 1.21 -6.94
CA ALA B 120 24.03 1.14 -6.58
C ALA B 120 23.22 2.00 -7.56
N ASN B 121 22.07 1.54 -7.93
CA ASN B 121 21.17 2.28 -8.83
C ASN B 121 20.69 3.58 -8.15
N VAL B 122 20.92 4.70 -8.82
CA VAL B 122 20.50 6.03 -8.33
C VAL B 122 19.16 6.46 -8.93
N ASP B 123 18.66 5.73 -9.93
CA ASP B 123 17.37 6.02 -10.51
C ASP B 123 16.29 5.23 -9.79
N ILE B 124 16.03 5.63 -8.56
CA ILE B 124 15.10 4.94 -7.68
C ILE B 124 14.20 5.97 -7.00
N ILE B 125 13.14 5.47 -6.38
CA ILE B 125 12.12 6.29 -5.68
C ILE B 125 12.32 6.10 -4.19
N VAL B 126 12.13 7.17 -3.40
CA VAL B 126 12.13 7.02 -1.93
C VAL B 126 10.68 6.91 -1.41
N ALA B 127 10.52 6.35 -0.22
CA ALA B 127 9.19 6.01 0.29
C ALA B 127 8.42 7.31 0.54
N GLY B 128 7.11 7.25 0.38
CA GLY B 128 6.21 8.36 0.71
C GLY B 128 5.16 8.51 -0.38
N ASP B 129 4.14 9.31 -0.09
CA ASP B 129 2.99 9.44 -0.98
C ASP B 129 3.37 10.05 -2.32
N GLU B 130 4.34 10.96 -2.32
CA GLU B 130 4.66 11.76 -3.52
C GLU B 130 5.53 10.99 -4.52
N GLY B 131 6.14 9.88 -4.12
CA GLY B 131 7.03 9.12 -4.98
C GLY B 131 8.21 9.97 -5.44
N ASP B 132 8.81 10.73 -4.51
CA ASP B 132 9.98 11.50 -4.85
C ASP B 132 11.11 10.62 -5.35
N THR B 133 11.89 11.14 -6.31
CA THR B 133 13.12 10.47 -6.74
C THR B 133 14.19 10.64 -5.66
N LEU B 134 15.15 9.72 -5.70
CA LEU B 134 16.36 9.82 -4.87
C LEU B 134 17.02 11.18 -5.08
N PHE B 135 17.16 11.59 -6.35
CA PHE B 135 17.75 12.88 -6.64
C PHE B 135 17.01 14.04 -5.95
N MET B 136 15.67 14.06 -6.02
CA MET B 136 14.88 15.11 -5.33
C MET B 136 15.18 15.16 -3.85
N ARG B 137 15.26 13.98 -3.22
CA ARG B 137 15.50 13.98 -1.76
C ARG B 137 16.94 14.43 -1.44
N ALA B 138 17.92 14.03 -2.23
CA ALA B 138 19.32 14.51 -2.04
C ALA B 138 19.45 15.98 -2.32
N ALA B 139 18.77 16.45 -3.36
CA ALA B 139 18.81 17.88 -3.68
C ALA B 139 18.31 18.76 -2.56
N GLN B 140 17.35 18.26 -1.78
CA GLN B 140 16.82 19.06 -0.67
C GLN B 140 17.79 19.10 0.51
N ASN B 141 18.67 18.11 0.63
CA ASN B 141 19.43 17.89 1.85
C ASN B 141 20.94 17.91 1.77
N ASN B 142 21.51 17.49 0.64
CA ASN B 142 22.98 17.32 0.57
C ASN B 142 23.41 17.49 -0.86
N LYS B 143 24.00 18.64 -1.14
CA LYS B 143 24.31 18.99 -2.54
C LYS B 143 25.36 18.06 -3.13
N LYS B 144 26.31 17.62 -2.34
CA LYS B 144 27.37 16.73 -2.84
C LYS B 144 26.82 15.38 -3.35
N THR B 145 25.88 14.81 -2.62
CA THR B 145 25.25 13.54 -3.06
C THR B 145 24.36 13.83 -4.28
N ALA B 146 23.65 14.97 -4.28
CA ALA B 146 22.84 15.32 -5.43
C ALA B 146 23.71 15.36 -6.67
N GLU B 147 24.89 15.94 -6.53
CA GLU B 147 25.83 15.99 -7.67
C GLU B 147 26.37 14.64 -8.07
N SER B 148 26.67 13.79 -7.09
CA SER B 148 27.09 12.39 -7.40
C SER B 148 26.05 11.61 -8.19
N ILE B 149 24.77 11.84 -7.87
CA ILE B 149 23.70 11.18 -8.55
C ILE B 149 23.63 11.68 -10.00
N LEU B 150 23.71 13.00 -10.19
CA LEU B 150 23.65 13.57 -11.53
C LEU B 150 24.87 13.19 -12.37
N ALA B 151 26.03 12.99 -11.75
CA ALA B 151 27.19 12.49 -12.48
C ALA B 151 26.92 11.09 -13.06
N LYS B 152 26.19 10.26 -12.34
CA LYS B 152 25.79 8.97 -12.89
C LYS B 152 24.75 9.10 -14.01
N ASN B 153 23.79 9.99 -13.86
CA ASN B 153 22.68 10.11 -14.82
C ASN B 153 22.15 11.52 -14.74
N LYS B 154 22.67 12.37 -15.64
CA LYS B 154 22.35 13.82 -15.60
C LYS B 154 20.89 14.08 -15.84
N SER B 155 20.19 13.20 -16.56
CA SER B 155 18.78 13.43 -16.89
C SER B 155 17.88 13.41 -15.65
N LEU B 156 18.34 12.83 -14.53
CA LEU B 156 17.53 12.75 -13.36
C LEU B 156 17.10 14.12 -12.82
N ILE B 157 17.79 15.20 -13.20
CA ILE B 157 17.38 16.54 -12.80
C ILE B 157 15.90 16.81 -13.19
N ASN B 158 15.44 16.25 -14.30
CA ASN B 158 14.07 16.48 -14.76
C ASN B 158 13.13 15.32 -14.60
N LYS B 159 13.50 14.30 -13.85
CA LYS B 159 12.61 13.18 -13.64
C LYS B 159 11.59 13.56 -12.54
N ALA B 160 10.32 13.43 -12.88
CA ALA B 160 9.24 13.88 -11.99
C ALA B 160 8.78 12.81 -11.04
N ASN B 161 8.23 13.25 -9.90
CA ASN B 161 7.55 12.40 -8.96
C ASN B 161 6.11 12.06 -9.42
N THR B 162 5.32 11.49 -8.55
CA THR B 162 4.00 11.00 -8.92
C THR B 162 3.00 12.13 -9.19
N LEU B 163 3.28 13.31 -8.64
CA LEU B 163 2.48 14.50 -8.90
C LEU B 163 2.96 15.29 -10.14
N GLY B 164 3.99 14.79 -10.84
CA GLY B 164 4.53 15.44 -12.01
C GLY B 164 5.47 16.56 -11.63
N GLU B 165 5.99 16.57 -10.39
CA GLU B 165 6.90 17.62 -9.92
C GLU B 165 8.35 17.11 -9.80
N THR B 166 9.28 18.01 -10.13
CA THR B 166 10.72 17.81 -10.01
C THR B 166 11.24 18.65 -8.86
N ALA B 167 12.55 18.56 -8.61
CA ALA B 167 13.20 19.31 -7.52
C ALA B 167 12.93 20.81 -7.66
N LEU B 168 12.84 21.31 -8.89
CA LEU B 168 12.62 22.75 -9.15
C LEU B 168 11.25 23.26 -8.55
N PHE B 169 10.22 22.40 -8.55
CA PHE B 169 8.93 22.77 -7.96
C PHE B 169 9.00 23.01 -6.45
N ALA B 170 9.64 22.11 -5.72
CA ALA B 170 9.79 22.32 -4.27
C ALA B 170 10.53 23.61 -3.92
N VAL B 171 11.59 23.88 -4.66
CA VAL B 171 12.34 25.10 -4.46
C VAL B 171 11.50 26.34 -4.85
N ALA B 172 10.74 26.25 -5.95
CA ALA B 172 9.88 27.35 -6.41
C ALA B 172 8.91 27.78 -5.29
N ARG B 173 8.32 26.78 -4.64
CA ARG B 173 7.41 27.06 -3.53
C ARG B 173 8.10 27.62 -2.30
N TYR B 174 9.11 26.89 -1.80
CA TYR B 174 9.62 27.06 -0.43
C TYR B 174 11.05 27.47 -0.31
N GLY B 175 11.75 27.57 -1.45
CA GLY B 175 13.20 27.79 -1.46
C GLY B 175 13.57 29.22 -1.80
N THR B 176 14.81 29.39 -2.21
CA THR B 176 15.39 30.69 -2.46
C THR B 176 15.87 30.81 -3.92
N PRO B 177 16.09 32.03 -4.40
CA PRO B 177 16.77 32.17 -5.70
C PRO B 177 18.11 31.40 -5.88
N ALA B 178 18.98 31.32 -4.86
CA ALA B 178 20.23 30.52 -4.99
C ALA B 178 19.96 29.03 -5.35
N ASP B 179 18.90 28.47 -4.75
CA ASP B 179 18.47 27.08 -5.02
C ASP B 179 17.99 26.97 -6.48
N ILE B 180 17.22 27.96 -6.93
CA ILE B 180 16.76 27.99 -8.33
C ILE B 180 17.96 27.97 -9.27
N ASP B 181 18.95 28.86 -9.02
CA ASP B 181 20.17 28.92 -9.84
C ASP B 181 20.89 27.56 -9.94
N PHE B 182 21.01 26.86 -8.82
CA PHE B 182 21.67 25.57 -8.77
C PHE B 182 21.04 24.53 -9.73
N LEU B 183 19.74 24.41 -9.67
CA LEU B 183 19.02 23.43 -10.46
C LEU B 183 19.01 23.82 -11.96
N ILE B 184 18.86 25.13 -12.25
CA ILE B 184 18.88 25.61 -13.65
C ILE B 184 20.23 25.36 -14.25
N LYS B 185 21.28 25.63 -13.50
CA LYS B 185 22.63 25.30 -13.96
C LYS B 185 22.84 23.83 -14.35
N LYS B 186 22.20 22.93 -13.60
CA LYS B 186 22.30 21.50 -13.85
C LYS B 186 21.31 21.02 -14.91
N GLY B 187 20.56 21.92 -15.55
CA GLY B 187 19.71 21.56 -16.69
C GLY B 187 18.24 21.43 -16.38
N ALA B 188 17.77 21.95 -15.26
CA ALA B 188 16.36 21.89 -14.95
C ALA B 188 15.56 22.61 -16.02
N ASP B 189 14.48 21.99 -16.51
CA ASP B 189 13.68 22.54 -17.65
C ASP B 189 12.47 23.28 -17.08
N LEU B 190 12.47 24.59 -17.20
CA LEU B 190 11.39 25.40 -16.59
C LEU B 190 10.03 25.19 -17.21
N LYS B 191 9.95 24.69 -18.43
CA LYS B 191 8.68 24.52 -19.14
C LYS B 191 7.86 23.31 -18.64
N LEU B 192 8.44 22.42 -17.84
CA LEU B 192 7.74 21.20 -17.44
C LEU B 192 6.51 21.54 -16.61
N LYS B 193 5.45 20.80 -16.86
CA LYS B 193 4.21 20.99 -16.13
C LYS B 193 3.94 19.79 -15.24
N ASN B 194 3.39 20.08 -14.07
CA ASN B 194 2.94 18.99 -13.19
C ASN B 194 1.57 18.47 -13.67
N LYS B 195 0.99 17.51 -12.94
CA LYS B 195 -0.26 16.88 -13.38
C LYS B 195 -1.47 17.81 -13.27
N LYS B 196 -1.36 18.90 -12.51
CA LYS B 196 -2.36 19.97 -12.52
C LYS B 196 -2.19 20.96 -13.70
N GLY B 197 -1.14 20.81 -14.53
CA GLY B 197 -0.89 21.73 -15.66
C GLY B 197 -0.12 22.98 -15.26
N GLN B 198 0.54 22.96 -14.09
CA GLN B 198 1.29 24.09 -13.58
C GLN B 198 2.80 23.94 -13.84
N THR B 199 3.44 25.06 -14.17
CA THR B 199 4.93 25.11 -14.18
C THR B 199 5.48 25.42 -12.78
N ALA B 200 6.80 25.31 -12.65
CA ALA B 200 7.49 25.80 -11.42
C ALA B 200 7.18 27.26 -11.13
N LEU B 201 7.17 28.10 -12.18
CA LEU B 201 6.83 29.50 -12.01
C LEU B 201 5.39 29.68 -11.48
N ASP B 202 4.45 28.93 -12.05
CA ASP B 202 3.08 28.94 -11.57
C ASP B 202 3.00 28.59 -10.07
N VAL B 203 3.74 27.57 -9.60
CA VAL B 203 3.65 27.19 -8.19
C VAL B 203 4.37 28.23 -7.30
N ALA B 204 5.41 28.90 -7.82
CA ALA B 204 6.05 29.97 -7.05
C ALA B 204 5.05 31.10 -6.82
N LYS B 205 4.31 31.47 -7.86
CA LYS B 205 3.28 32.51 -7.76
C LYS B 205 2.16 32.12 -6.78
N GLU B 206 1.70 30.87 -6.85
CA GLU B 206 0.67 30.36 -5.93
C GLU B 206 1.11 30.38 -4.45
N ALA B 207 2.38 30.08 -4.23
CA ALA B 207 2.98 30.09 -2.89
C ALA B 207 3.34 31.49 -2.40
N SER B 208 3.13 32.52 -3.21
CA SER B 208 3.53 33.91 -2.87
C SER B 208 5.02 34.03 -2.63
N ASN B 209 5.81 33.21 -3.34
CA ASN B 209 7.25 33.30 -3.25
C ASN B 209 7.71 34.26 -4.34
N GLN B 210 7.78 35.53 -4.00
CA GLN B 210 8.07 36.55 -5.00
C GLN B 210 9.53 36.42 -5.48
N ASP B 211 10.46 36.03 -4.59
CA ASP B 211 11.90 35.94 -4.94
C ASP B 211 12.20 34.82 -5.92
N THR B 212 11.62 33.64 -5.69
CA THR B 212 11.81 32.54 -6.66
C THR B 212 11.01 32.78 -7.99
N ALA B 213 9.84 33.40 -7.92
CA ALA B 213 9.12 33.77 -9.14
C ALA B 213 9.94 34.72 -10.03
N LYS B 214 10.54 35.74 -9.43
CA LYS B 214 11.44 36.67 -10.14
C LYS B 214 12.66 35.96 -10.76
N ALA B 215 13.30 35.06 -10.00
CA ALA B 215 14.44 34.26 -10.49
C ALA B 215 14.05 33.35 -11.67
N LEU B 216 12.90 32.71 -11.57
CA LEU B 216 12.38 31.88 -12.68
C LEU B 216 11.98 32.73 -13.90
N SER B 217 11.44 33.92 -13.67
CA SER B 217 11.07 34.81 -14.79
C SER B 217 12.27 35.25 -15.66
N LYS B 218 13.48 35.40 -15.10
CA LYS B 218 14.69 35.75 -15.91
C LYS B 218 15.22 34.53 -16.65
N SER C 26 29.00 -17.40 0.22
CA SER C 26 27.74 -17.91 -0.41
C SER C 26 27.53 -19.43 -0.18
N GLY C 27 26.34 -19.88 -0.55
CA GLY C 27 25.94 -21.27 -0.49
C GLY C 27 26.35 -22.04 -1.73
N LYS C 28 25.62 -23.10 -2.02
CA LYS C 28 26.00 -24.10 -3.00
C LYS C 28 25.54 -23.63 -4.35
N SER C 29 26.37 -23.84 -5.37
CA SER C 29 25.98 -23.71 -6.76
C SER C 29 25.67 -25.13 -7.28
N SER C 30 25.07 -25.22 -8.46
CA SER C 30 24.66 -26.47 -9.03
C SER C 30 24.98 -26.39 -10.53
N LYS C 31 25.89 -27.23 -10.98
CA LYS C 31 26.11 -27.39 -12.44
C LYS C 31 24.88 -27.91 -13.16
N ALA C 32 24.08 -28.79 -12.55
CA ALA C 32 22.80 -29.19 -13.18
C ALA C 32 21.85 -28.03 -13.40
N LEU C 33 21.69 -27.13 -12.42
CA LEU C 33 20.90 -25.94 -12.55
C LEU C 33 21.42 -24.98 -13.66
N ASN C 34 22.71 -24.70 -13.62
CA ASN C 34 23.33 -23.84 -14.62
C ASN C 34 23.20 -24.36 -16.05
N GLU C 35 23.34 -25.65 -16.24
CA GLU C 35 23.16 -26.25 -17.55
C GLU C 35 21.71 -26.22 -18.00
N ALA C 36 20.77 -26.53 -17.11
CA ALA C 36 19.34 -26.42 -17.41
C ALA C 36 18.94 -25.00 -17.78
N ALA C 37 19.48 -24.02 -17.06
CA ALA C 37 19.22 -22.63 -17.44
C ALA C 37 19.75 -22.23 -18.83
N GLU C 38 20.94 -22.69 -19.18
CA GLU C 38 21.54 -22.40 -20.48
C GLU C 38 20.79 -23.11 -21.58
N GLN C 39 20.40 -24.35 -21.34
CA GLN C 39 19.77 -25.17 -22.37
C GLN C 39 18.30 -24.87 -22.56
N GLY C 40 17.69 -24.21 -21.59
CA GLY C 40 16.31 -23.80 -21.71
C GLY C 40 15.31 -24.79 -21.17
N ASP C 41 15.70 -25.57 -20.16
CA ASP C 41 14.80 -26.57 -19.52
C ASP C 41 14.13 -25.96 -18.29
N LEU C 42 12.99 -25.32 -18.53
CA LEU C 42 12.33 -24.56 -17.45
C LEU C 42 11.89 -25.48 -16.31
N ALA C 43 11.26 -26.59 -16.64
CA ALA C 43 10.76 -27.52 -15.62
C ALA C 43 11.89 -27.96 -14.67
N LYS C 44 13.02 -28.28 -15.24
CA LYS C 44 14.16 -28.74 -14.45
C LYS C 44 14.67 -27.60 -13.55
N VAL C 45 14.73 -26.38 -14.08
CA VAL C 45 15.11 -25.24 -13.30
C VAL C 45 14.14 -25.07 -12.13
N LYS C 46 12.85 -25.11 -12.39
CA LYS C 46 11.86 -24.97 -11.31
C LYS C 46 11.92 -26.07 -10.27
N ASN C 47 12.03 -27.32 -10.69
CA ASN C 47 12.19 -28.42 -9.73
C ASN C 47 13.40 -28.26 -8.81
N LEU C 48 14.55 -27.91 -9.37
CA LEU C 48 15.77 -27.73 -8.58
C LEU C 48 15.65 -26.56 -7.63
N VAL C 49 15.06 -25.46 -8.11
CA VAL C 49 14.89 -24.28 -7.26
C VAL C 49 13.85 -24.49 -6.15
N GLN C 50 12.81 -25.27 -6.41
CA GLN C 50 11.78 -25.59 -5.41
C GLN C 50 12.33 -26.22 -4.13
N LYS C 51 13.45 -26.92 -4.23
CA LYS C 51 14.05 -27.54 -3.04
C LYS C 51 14.68 -26.58 -2.06
N ASN C 52 14.94 -25.36 -2.52
CA ASN C 52 15.58 -24.32 -1.75
C ASN C 52 16.88 -24.80 -1.11
N LYS C 53 17.70 -25.49 -1.90
CA LYS C 53 19.01 -25.92 -1.40
C LYS C 53 20.14 -25.16 -2.09
N ILE C 54 19.88 -24.60 -3.25
CA ILE C 54 20.88 -23.95 -4.07
C ILE C 54 20.81 -22.44 -3.81
N ASP C 55 21.97 -21.83 -3.59
CA ASP C 55 22.06 -20.33 -3.55
C ASP C 55 22.08 -19.86 -4.99
N LEU C 56 21.01 -19.20 -5.42
CA LEU C 56 20.87 -18.74 -6.76
C LEU C 56 21.85 -17.65 -7.15
N ASN C 57 22.52 -17.06 -6.15
CA ASN C 57 23.53 -16.08 -6.42
C ASN C 57 24.95 -16.65 -6.35
N ALA C 58 25.14 -17.92 -6.01
CA ALA C 58 26.47 -18.49 -5.98
C ALA C 58 27.03 -18.61 -7.42
N GLN C 59 28.30 -18.27 -7.53
CA GLN C 59 29.01 -18.22 -8.83
C GLN C 59 29.91 -19.44 -8.99
N ASP C 60 30.01 -19.96 -10.21
CA ASP C 60 30.81 -21.16 -10.50
C ASP C 60 32.24 -20.77 -10.85
N GLU C 61 33.02 -21.72 -11.33
CA GLU C 61 34.44 -21.57 -11.57
C GLU C 61 34.83 -20.51 -12.61
N THR C 62 33.92 -20.16 -13.50
CA THR C 62 34.12 -19.04 -14.41
C THR C 62 33.32 -17.81 -13.99
N GLY C 63 32.78 -17.77 -12.77
CA GLY C 63 32.00 -16.63 -12.36
C GLY C 63 30.53 -16.59 -12.80
N MET C 64 30.06 -17.67 -13.41
CA MET C 64 28.71 -17.71 -13.96
C MET C 64 27.67 -18.04 -12.90
N THR C 65 26.51 -17.41 -13.00
CA THR C 65 25.30 -17.70 -12.20
C THR C 65 24.21 -18.32 -13.08
N PRO C 66 23.16 -18.86 -12.47
CA PRO C 66 22.00 -19.29 -13.24
C PRO C 66 21.40 -18.22 -14.14
N LEU C 67 21.25 -17.00 -13.63
CA LEU C 67 20.71 -15.92 -14.43
C LEU C 67 21.59 -15.62 -15.66
N MET C 68 22.90 -15.58 -15.50
CA MET C 68 23.78 -15.40 -16.64
C MET C 68 23.63 -16.49 -17.68
N ASN C 69 23.55 -17.75 -17.21
CA ASN C 69 23.32 -18.85 -18.12
C ASN C 69 21.99 -18.72 -18.87
N ALA C 70 20.92 -18.39 -18.15
CA ALA C 70 19.58 -18.20 -18.80
C ALA C 70 19.64 -17.08 -19.85
N ALA C 71 20.36 -16.03 -19.57
CA ALA C 71 20.49 -14.87 -20.48
C ALA C 71 21.33 -15.21 -21.69
N MET C 72 22.46 -15.85 -21.46
CA MET C 72 23.33 -16.26 -22.57
C MET C 72 22.61 -17.19 -23.53
N GLY C 73 21.77 -18.07 -22.97
CA GLY C 73 21.05 -19.00 -23.78
C GLY C 73 19.78 -18.46 -24.35
N GLY C 74 19.44 -17.21 -24.06
CA GLY C 74 18.24 -16.53 -24.60
C GLY C 74 16.90 -17.10 -24.12
N ASN C 75 16.86 -17.58 -22.87
CA ASN C 75 15.67 -18.25 -22.34
C ASN C 75 14.84 -17.35 -21.47
N LEU C 76 13.91 -16.66 -22.13
CA LEU C 76 13.10 -15.62 -21.49
C LEU C 76 12.28 -16.15 -20.30
N ASP C 77 11.62 -17.30 -20.47
CA ASP C 77 10.84 -17.93 -19.40
C ASP C 77 11.65 -18.21 -18.09
N ILE C 78 12.86 -18.72 -18.29
CA ILE C 78 13.77 -18.99 -17.18
C ILE C 78 14.23 -17.70 -16.54
N VAL C 79 14.56 -16.69 -17.35
CA VAL C 79 14.91 -15.37 -16.85
C VAL C 79 13.78 -14.76 -16.02
N LYS C 80 12.55 -14.80 -16.52
CA LYS C 80 11.42 -14.31 -15.73
C LYS C 80 11.21 -15.07 -14.38
N PHE C 81 11.38 -16.38 -14.41
CA PHE C 81 11.30 -17.16 -13.18
C PHE C 81 12.37 -16.75 -12.18
N LEU C 82 13.61 -16.63 -12.65
CA LEU C 82 14.72 -16.25 -11.74
C LEU C 82 14.57 -14.86 -11.18
N LEU C 83 14.03 -13.97 -11.99
CA LEU C 83 13.72 -12.59 -11.54
C LEU C 83 12.63 -12.57 -10.50
N SER C 84 11.68 -13.51 -10.55
CA SER C 84 10.69 -13.65 -9.48
C SER C 84 11.32 -14.08 -8.13
N LYS C 85 12.50 -14.69 -8.15
CA LYS C 85 13.21 -15.05 -6.91
C LYS C 85 14.18 -13.99 -6.43
N LYS C 86 14.17 -12.85 -7.07
CA LYS C 86 14.93 -11.68 -6.61
C LYS C 86 16.45 -11.91 -6.60
N VAL C 87 16.91 -12.65 -7.61
CA VAL C 87 18.33 -12.85 -7.81
C VAL C 87 19.04 -11.52 -8.07
N ASN C 88 20.33 -11.52 -7.74
CA ASN C 88 21.15 -10.36 -7.90
C ASN C 88 21.44 -10.18 -9.42
N LEU C 89 21.05 -9.02 -9.98
CA LEU C 89 21.26 -8.74 -11.39
C LEU C 89 22.69 -8.38 -11.74
N GLU C 90 23.49 -8.01 -10.75
CA GLU C 90 24.71 -7.22 -11.00
C GLU C 90 26.00 -8.02 -10.77
N LEU C 91 25.90 -9.30 -10.49
CA LEU C 91 27.10 -10.14 -10.41
C LEU C 91 27.76 -10.22 -11.77
N LYS C 92 29.06 -10.36 -11.75
CA LYS C 92 29.82 -10.41 -13.00
C LYS C 92 30.59 -11.70 -13.09
N ASN C 93 30.66 -12.26 -14.31
CA ASN C 93 31.55 -13.38 -14.53
C ASN C 93 33.00 -12.97 -14.49
N ASN C 94 33.91 -13.90 -14.78
CA ASN C 94 35.35 -13.54 -14.78
C ASN C 94 35.81 -12.65 -15.93
N GLY C 95 35.01 -12.58 -16.97
CA GLY C 95 35.20 -11.61 -18.04
C GLY C 95 34.60 -10.24 -17.77
N GLY C 96 33.97 -10.05 -16.62
CA GLY C 96 33.48 -8.77 -16.19
C GLY C 96 32.03 -8.49 -16.65
N GLU C 97 31.31 -9.52 -17.11
CA GLU C 97 29.98 -9.33 -17.72
C GLU C 97 28.81 -9.69 -16.79
N THR C 98 27.78 -8.85 -16.73
CA THR C 98 26.54 -9.16 -15.99
C THR C 98 25.63 -9.91 -16.93
N ALA C 99 24.54 -10.41 -16.37
CA ALA C 99 23.52 -11.08 -17.19
C ALA C 99 23.02 -10.24 -18.38
N LEU C 100 22.82 -8.94 -18.15
CA LEU C 100 22.41 -8.04 -19.22
C LEU C 100 23.45 -7.99 -20.35
N ALA C 101 24.74 -7.91 -20.00
CA ALA C 101 25.78 -7.94 -20.97
C ALA C 101 25.73 -9.19 -21.79
N PHE C 102 25.46 -10.32 -21.15
CA PHE C 102 25.28 -11.56 -21.87
C PHE C 102 24.16 -11.54 -22.83
N ALA C 103 23.06 -11.00 -22.41
CA ALA C 103 21.93 -10.97 -23.28
C ALA C 103 22.18 -10.15 -24.56
N VAL C 104 22.78 -8.97 -24.39
CA VAL C 104 23.12 -8.10 -25.49
C VAL C 104 24.10 -8.77 -26.41
N THR C 105 25.09 -9.44 -25.87
CA THR C 105 26.17 -9.99 -26.71
C THR C 105 25.75 -11.28 -27.39
N ASN C 106 24.69 -11.94 -26.94
CA ASN C 106 24.21 -13.19 -27.51
C ASN C 106 22.88 -13.21 -28.18
N ASP C 107 22.50 -12.12 -28.80
CA ASP C 107 21.28 -12.01 -29.57
C ASP C 107 20.01 -12.25 -28.77
N ALA C 108 20.02 -11.91 -27.47
CA ALA C 108 18.81 -12.20 -26.73
C ALA C 108 18.16 -10.89 -26.32
N TYR C 109 17.64 -10.21 -27.33
CA TYR C 109 17.16 -8.85 -27.12
C TYR C 109 15.82 -8.80 -26.34
N ASP C 110 14.98 -9.84 -26.42
CA ASP C 110 13.81 -9.98 -25.53
C ASP C 110 14.22 -10.11 -24.04
N VAL C 111 15.23 -10.90 -23.77
CA VAL C 111 15.80 -11.01 -22.43
C VAL C 111 16.40 -9.69 -21.97
N ALA C 112 17.12 -9.00 -22.87
CA ALA C 112 17.70 -7.72 -22.52
C ALA C 112 16.62 -6.72 -22.08
N GLU C 113 15.53 -6.66 -22.82
CA GLU C 113 14.36 -5.82 -22.46
C GLU C 113 13.86 -6.11 -21.08
N GLU C 114 13.65 -7.39 -20.80
CA GLU C 114 13.14 -7.80 -19.49
C GLU C 114 14.07 -7.39 -18.34
N LEU C 115 15.33 -7.63 -18.51
CA LEU C 115 16.30 -7.22 -17.52
C LEU C 115 16.33 -5.70 -17.32
N ILE C 116 16.25 -4.93 -18.42
CA ILE C 116 16.28 -3.48 -18.32
C ILE C 116 15.04 -3.02 -17.55
N LYS C 117 13.91 -3.59 -17.89
CA LYS C 117 12.67 -3.35 -17.14
C LYS C 117 12.76 -3.66 -15.65
N ALA C 118 13.45 -4.74 -15.28
CA ALA C 118 13.65 -5.15 -13.90
C ALA C 118 14.67 -4.30 -13.17
N GLY C 119 15.31 -3.37 -13.86
CA GLY C 119 16.16 -2.39 -13.22
C GLY C 119 17.64 -2.77 -13.29
N ALA C 120 18.02 -3.67 -14.18
CA ALA C 120 19.42 -4.02 -14.39
C ALA C 120 20.17 -2.75 -14.83
N ASN C 121 21.37 -2.60 -14.26
CA ASN C 121 22.22 -1.46 -14.59
C ASN C 121 22.53 -1.53 -16.08
N VAL C 122 22.31 -0.39 -16.77
CA VAL C 122 22.66 -0.28 -18.20
C VAL C 122 23.99 0.38 -18.38
N ASP C 123 24.52 0.99 -17.35
CA ASP C 123 25.80 1.69 -17.41
C ASP C 123 26.92 0.69 -17.02
N ILE C 124 27.18 -0.24 -17.90
CA ILE C 124 28.10 -1.33 -17.69
C ILE C 124 28.94 -1.47 -18.92
N ILE C 125 29.95 -2.33 -18.81
CA ILE C 125 30.91 -2.62 -19.88
C ILE C 125 30.68 -4.09 -20.36
N VAL C 126 30.91 -4.38 -21.65
CA VAL C 126 30.95 -5.72 -22.15
C VAL C 126 32.39 -6.25 -22.20
N ALA C 127 32.58 -7.56 -22.32
CA ALA C 127 33.90 -8.17 -22.39
C ALA C 127 34.69 -7.74 -23.64
N GLY C 128 36.00 -7.61 -23.52
CA GLY C 128 36.89 -7.38 -24.62
C GLY C 128 37.96 -6.34 -24.23
N ASP C 129 38.94 -6.19 -25.06
CA ASP C 129 40.13 -5.33 -24.79
C ASP C 129 39.70 -3.86 -24.74
N GLU C 130 38.68 -3.50 -25.49
CA GLU C 130 38.32 -2.09 -25.61
C GLU C 130 37.48 -1.54 -24.50
N GLY C 131 36.87 -2.41 -23.72
CA GLY C 131 35.96 -1.99 -22.71
C GLY C 131 34.76 -1.23 -23.27
N ASP C 132 34.18 -1.73 -24.36
CA ASP C 132 33.00 -1.13 -24.91
C ASP C 132 31.84 -1.04 -23.91
N THR C 133 31.08 0.06 -23.98
CA THR C 133 29.90 0.19 -23.12
C THR C 133 28.78 -0.70 -23.67
N LEU C 134 27.83 -1.04 -22.81
CA LEU C 134 26.66 -1.75 -23.22
C LEU C 134 25.92 -1.00 -24.33
N PHE C 135 25.80 0.31 -24.17
CA PHE C 135 25.16 1.11 -25.17
C PHE C 135 25.85 0.90 -26.55
N MET C 136 27.19 1.01 -26.57
CA MET C 136 27.93 0.85 -27.80
C MET C 136 27.57 -0.50 -28.44
N ARG C 137 27.57 -1.55 -27.64
CA ARG C 137 27.36 -2.85 -28.20
C ARG C 137 25.91 -3.06 -28.67
N ALA C 138 24.94 -2.46 -27.96
CA ALA C 138 23.58 -2.51 -28.46
C ALA C 138 23.41 -1.68 -29.76
N ALA C 139 24.09 -0.54 -29.80
CA ALA C 139 23.98 0.27 -30.99
C ALA C 139 24.46 -0.47 -32.20
N GLN C 140 25.48 -1.33 -32.04
CA GLN C 140 25.99 -2.13 -33.13
C GLN C 140 25.06 -3.29 -33.47
N ASN C 141 24.38 -3.84 -32.46
CA ASN C 141 23.67 -5.11 -32.62
C ASN C 141 22.15 -5.02 -32.81
N ASN C 142 21.47 -4.07 -32.16
CA ASN C 142 19.95 -4.00 -32.07
C ASN C 142 19.52 -2.61 -31.62
N LYS C 143 18.98 -1.85 -32.56
CA LYS C 143 18.62 -0.45 -32.30
C LYS C 143 17.57 -0.28 -31.18
N LYS C 144 16.56 -1.16 -31.16
CA LYS C 144 15.51 -1.04 -30.15
C LYS C 144 16.10 -1.13 -28.70
N THR C 145 17.03 -2.08 -28.47
CA THR C 145 17.70 -2.17 -27.17
C THR C 145 18.61 -0.95 -26.89
N ALA C 146 19.32 -0.47 -27.93
CA ALA C 146 20.08 0.79 -27.80
C ALA C 146 19.16 1.91 -27.30
N GLU C 147 17.96 2.02 -27.89
CA GLU C 147 17.01 3.06 -27.48
C GLU C 147 16.47 2.88 -26.07
N SER C 148 16.25 1.64 -25.68
CA SER C 148 15.84 1.34 -24.26
CA SER C 148 15.81 1.37 -24.27
C SER C 148 16.88 1.77 -23.24
N ILE C 149 18.15 1.56 -23.59
CA ILE C 149 19.25 1.98 -22.74
C ILE C 149 19.30 3.50 -22.61
N LEU C 150 19.17 4.23 -23.72
CA LEU C 150 19.17 5.65 -23.67
C LEU C 150 17.98 6.22 -22.96
N ALA C 151 16.82 5.56 -23.03
CA ALA C 151 15.68 6.02 -22.26
C ALA C 151 15.99 5.96 -20.75
N LYS C 152 16.76 5.00 -20.31
CA LYS C 152 17.19 4.97 -18.88
C LYS C 152 18.23 6.04 -18.56
N ASN C 153 19.17 6.29 -19.46
CA ASN C 153 20.27 7.23 -19.21
C ASN C 153 20.74 7.75 -20.56
N LYS C 154 20.17 8.90 -20.93
CA LYS C 154 20.44 9.49 -22.22
C LYS C 154 21.91 9.86 -22.39
N SER C 155 22.59 10.21 -21.30
CA SER C 155 24.03 10.62 -21.37
C SER C 155 24.96 9.49 -21.86
N LEU C 156 24.51 8.21 -21.80
CA LEU C 156 25.33 7.14 -22.29
C LEU C 156 25.77 7.28 -23.76
N ILE C 157 25.07 8.10 -24.54
CA ILE C 157 25.40 8.27 -25.96
C ILE C 157 26.87 8.75 -26.10
N ASN C 158 27.35 9.55 -25.13
CA ASN C 158 28.73 10.05 -25.19
C ASN C 158 29.67 9.42 -24.15
N LYS C 159 29.30 8.30 -23.51
CA LYS C 159 30.18 7.66 -22.58
C LYS C 159 31.20 6.80 -23.35
N ALA C 160 32.47 7.08 -23.13
CA ALA C 160 33.51 6.47 -23.91
C ALA C 160 34.00 5.17 -23.33
N ASN C 161 34.56 4.35 -24.17
CA ASN C 161 35.20 3.07 -23.78
C ASN C 161 36.63 3.33 -23.29
N THR C 162 37.43 2.30 -23.13
CA THR C 162 38.78 2.47 -22.56
C THR C 162 39.76 3.24 -23.47
N LEU C 163 39.50 3.20 -24.75
CA LEU C 163 40.27 3.89 -25.74
C LEU C 163 39.80 5.34 -25.95
N GLY C 164 38.75 5.78 -25.24
CA GLY C 164 38.19 7.09 -25.43
C GLY C 164 37.22 7.18 -26.57
N GLU C 165 36.68 6.05 -27.03
CA GLU C 165 35.79 6.04 -28.18
C GLU C 165 34.38 5.73 -27.77
N THR C 166 33.46 6.33 -28.48
CA THR C 166 32.01 6.13 -28.32
C THR C 166 31.44 5.40 -29.51
N ALA C 167 30.11 5.19 -29.51
CA ALA C 167 29.42 4.55 -30.62
C ALA C 167 29.66 5.29 -31.94
N LEU C 168 29.78 6.60 -31.92
CA LEU C 168 29.99 7.37 -33.17
C LEU C 168 31.31 7.01 -33.85
N PHE C 169 32.34 6.66 -33.10
CA PHE C 169 33.60 6.14 -33.65
C PHE C 169 33.42 4.83 -34.37
N ALA C 170 32.74 3.86 -33.78
CA ALA C 170 32.54 2.62 -34.38
C ALA C 170 31.73 2.72 -35.68
N VAL C 171 30.70 3.57 -35.68
CA VAL C 171 29.92 3.81 -36.91
C VAL C 171 30.72 4.59 -37.98
N ALA C 172 31.55 5.53 -37.52
CA ALA C 172 32.47 6.26 -38.43
C ALA C 172 33.38 5.34 -39.20
N ARG C 173 33.94 4.36 -38.49
CA ARG C 173 34.77 3.37 -39.14
C ARG C 173 34.00 2.46 -40.07
N TYR C 174 32.98 1.82 -39.52
CA TYR C 174 32.43 0.59 -40.14
C TYR C 174 30.96 0.64 -40.48
N GLY C 175 30.34 1.73 -40.16
CA GLY C 175 28.91 1.90 -40.37
C GLY C 175 28.55 2.76 -41.57
N THR C 176 27.30 3.26 -41.55
CA THR C 176 26.71 3.97 -42.69
C THR C 176 26.27 5.39 -42.29
N PRO C 177 26.03 6.26 -43.29
CA PRO C 177 25.51 7.58 -42.99
C PRO C 177 24.19 7.58 -42.18
N ALA C 178 23.29 6.64 -42.44
CA ALA C 178 22.07 6.56 -41.62
C ALA C 178 22.38 6.35 -40.15
N ASP C 179 23.38 5.52 -39.84
CA ASP C 179 23.80 5.26 -38.43
C ASP C 179 24.37 6.55 -37.83
N ILE C 180 25.17 7.29 -38.58
CA ILE C 180 25.68 8.58 -38.15
C ILE C 180 24.48 9.48 -37.77
N ASP C 181 23.48 9.59 -38.65
CA ASP C 181 22.29 10.44 -38.37
C ASP C 181 21.55 10.05 -37.09
N PHE C 182 21.35 8.77 -36.88
CA PHE C 182 20.75 8.23 -35.65
C PHE C 182 21.46 8.71 -34.37
N LEU C 183 22.79 8.59 -34.31
CA LEU C 183 23.54 8.88 -33.12
C LEU C 183 23.59 10.41 -32.92
N ILE C 184 23.73 11.18 -33.99
CA ILE C 184 23.72 12.61 -33.87
C ILE C 184 22.37 13.09 -33.32
N LYS C 185 21.30 12.54 -33.85
CA LYS C 185 19.95 12.88 -33.38
C LYS C 185 19.74 12.54 -31.88
N LYS C 186 20.39 11.51 -31.34
CA LYS C 186 20.36 11.18 -29.94
C LYS C 186 21.34 11.99 -29.08
N GLY C 187 22.09 12.92 -29.67
CA GLY C 187 22.98 13.79 -28.91
C GLY C 187 24.44 13.47 -28.95
N ALA C 188 24.88 12.64 -29.88
CA ALA C 188 26.31 12.35 -29.99
C ALA C 188 27.09 13.62 -30.29
N ASP C 189 28.20 13.83 -29.59
CA ASP C 189 29.01 15.05 -29.79
C ASP C 189 30.16 14.69 -30.75
N LEU C 190 30.11 15.18 -31.97
CA LEU C 190 31.12 14.83 -32.94
C LEU C 190 32.54 15.41 -32.70
N LYS C 191 32.66 16.37 -31.79
CA LYS C 191 33.97 16.94 -31.46
C LYS C 191 34.81 16.10 -30.56
N LEU C 192 34.22 15.10 -29.90
CA LEU C 192 34.99 14.35 -28.87
C LEU C 192 36.21 13.66 -29.45
N LYS C 193 37.31 13.67 -28.70
CA LYS C 193 38.50 13.05 -29.11
C LYS C 193 38.80 11.78 -28.29
N ASN C 194 39.32 10.77 -28.97
CA ASN C 194 39.76 9.54 -28.27
C ASN C 194 41.09 9.75 -27.63
N LYS C 195 41.69 8.71 -27.01
CA LYS C 195 42.93 8.89 -26.26
C LYS C 195 44.15 9.13 -27.18
N LYS C 196 44.01 8.84 -28.46
CA LYS C 196 45.02 9.20 -29.45
C LYS C 196 44.86 10.66 -29.98
N GLY C 197 43.84 11.39 -29.56
CA GLY C 197 43.58 12.73 -30.08
C GLY C 197 42.79 12.77 -31.38
N GLN C 198 42.11 11.66 -31.74
CA GLN C 198 41.35 11.59 -32.96
C GLN C 198 39.84 11.81 -32.75
N THR C 199 39.19 12.50 -33.69
CA THR C 199 37.71 12.57 -33.73
C THR C 199 37.15 11.37 -34.51
N ALA C 200 35.85 11.25 -34.46
CA ALA C 200 35.11 10.31 -35.34
C ALA C 200 35.41 10.51 -36.84
N LEU C 201 35.47 11.77 -37.25
CA LEU C 201 35.80 12.05 -38.66
C LEU C 201 37.19 11.54 -38.98
N ASP C 202 38.14 11.78 -38.07
CA ASP C 202 39.55 11.26 -38.28
C ASP C 202 39.58 9.74 -38.46
N VAL C 203 38.81 8.99 -37.67
CA VAL C 203 38.82 7.53 -37.81
C VAL C 203 38.05 7.06 -39.04
N ALA C 204 37.03 7.80 -39.49
CA ALA C 204 36.37 7.47 -40.74
C ALA C 204 37.36 7.55 -41.90
N LYS C 205 38.13 8.66 -41.92
CA LYS C 205 39.14 8.82 -42.97
C LYS C 205 40.14 7.66 -42.93
N GLU C 206 40.60 7.29 -41.73
CA GLU C 206 41.63 6.22 -41.63
C GLU C 206 41.11 4.87 -42.09
N ALA C 207 39.85 4.63 -41.82
CA ALA C 207 39.17 3.43 -42.23
C ALA C 207 38.76 3.40 -43.72
N SER C 208 39.01 4.46 -44.47
CA SER C 208 38.57 4.58 -45.84
C SER C 208 37.07 4.44 -45.99
N ASN C 209 36.32 4.90 -44.99
CA ASN C 209 34.91 5.01 -45.08
C ASN C 209 34.55 6.40 -45.60
N GLN C 210 34.47 6.50 -46.92
CA GLN C 210 34.21 7.83 -47.53
C GLN C 210 32.79 8.34 -47.27
N ASP C 211 31.82 7.42 -47.16
CA ASP C 211 30.40 7.84 -46.97
C ASP C 211 30.19 8.44 -45.56
N THR C 212 30.75 7.81 -44.54
CA THR C 212 30.57 8.38 -43.20
C THR C 212 31.40 9.65 -43.04
N ALA C 213 32.58 9.68 -43.69
CA ALA C 213 33.43 10.90 -43.62
C ALA C 213 32.70 12.13 -44.22
N LYS C 214 32.05 11.91 -45.37
CA LYS C 214 31.18 12.90 -45.95
C LYS C 214 30.01 13.34 -45.04
N ALA C 215 29.32 12.37 -44.43
CA ALA C 215 28.19 12.68 -43.51
C ALA C 215 28.65 13.46 -42.31
N LEU C 216 29.81 13.10 -41.75
CA LEU C 216 30.36 13.79 -40.58
C LEU C 216 30.89 15.20 -40.97
N SER C 217 31.45 15.33 -42.18
CA SER C 217 31.87 16.67 -42.71
C SER C 217 30.75 17.63 -42.92
N LYS C 218 29.68 17.12 -43.48
CA LYS C 218 28.45 17.89 -43.65
C LYS C 218 27.84 18.33 -42.32
N LYS C 219 27.83 17.44 -41.34
CA LYS C 219 27.25 17.75 -40.00
C LYS C 219 28.04 18.81 -39.25
N LYS C 220 29.36 18.81 -39.47
CA LYS C 220 30.23 19.77 -38.82
C LYS C 220 29.94 21.22 -39.29
N LEU C 221 29.42 21.36 -40.52
CA LEU C 221 28.92 22.64 -41.07
C LEU C 221 27.42 22.57 -41.39
N SER D 26 -5.57 -29.94 1.98
CA SER D 26 -4.21 -29.91 2.63
C SER D 26 -3.28 -31.04 2.14
N GLY D 27 -2.02 -30.94 2.57
CA GLY D 27 -0.98 -31.85 2.17
C GLY D 27 -0.90 -33.04 3.12
N LYS D 28 0.30 -33.62 3.17
CA LYS D 28 0.54 -34.92 3.82
C LYS D 28 0.69 -34.68 5.30
N SER D 29 -0.05 -35.44 6.08
CA SER D 29 0.08 -35.53 7.52
C SER D 29 1.02 -36.67 7.85
N SER D 30 1.53 -36.72 9.09
CA SER D 30 2.45 -37.77 9.47
C SER D 30 2.15 -38.29 10.87
N LYS D 31 1.78 -39.53 10.99
CA LYS D 31 1.58 -40.14 12.30
C LYS D 31 2.87 -40.17 13.11
N ALA D 32 4.01 -40.40 12.45
CA ALA D 32 5.26 -40.40 13.12
C ALA D 32 5.59 -39.04 13.76
N LEU D 33 5.35 -37.95 13.03
CA LEU D 33 5.49 -36.60 13.58
C LEU D 33 4.53 -36.35 14.74
N ASN D 34 3.27 -36.67 14.58
CA ASN D 34 2.31 -36.50 15.64
C ASN D 34 2.67 -37.27 16.93
N GLU D 35 3.08 -38.51 16.79
CA GLU D 35 3.51 -39.32 17.93
C GLU D 35 4.79 -38.83 18.59
N ALA D 36 5.78 -38.43 17.81
CA ALA D 36 6.97 -37.79 18.34
C ALA D 36 6.63 -36.50 19.11
N ALA D 37 5.74 -35.69 18.58
CA ALA D 37 5.40 -34.48 19.26
C ALA D 37 4.75 -34.75 20.61
N GLU D 38 3.85 -35.73 20.65
CA GLU D 38 3.11 -36.10 21.84
C GLU D 38 4.05 -36.74 22.87
N GLN D 39 4.97 -37.54 22.40
CA GLN D 39 5.94 -38.19 23.30
C GLN D 39 7.09 -37.28 23.77
N GLY D 40 7.31 -36.14 23.13
CA GLY D 40 8.34 -35.24 23.52
C GLY D 40 9.73 -35.55 22.92
N ASP D 41 9.77 -36.15 21.74
CA ASP D 41 11.04 -36.44 21.04
C ASP D 41 11.41 -35.32 20.05
N LEU D 42 12.15 -34.32 20.56
CA LEU D 42 12.47 -33.13 19.76
C LEU D 42 13.31 -33.45 18.51
N ALA D 43 14.36 -34.23 18.70
CA ALA D 43 15.24 -34.63 17.54
C ALA D 43 14.45 -35.30 16.40
N LYS D 44 13.53 -36.17 16.74
CA LYS D 44 12.70 -36.82 15.75
C LYS D 44 11.77 -35.83 15.05
N VAL D 45 11.17 -34.89 15.82
CA VAL D 45 10.35 -33.88 15.20
C VAL D 45 11.15 -33.04 14.21
N LYS D 46 12.32 -32.60 14.64
CA LYS D 46 13.15 -31.78 13.76
C LYS D 46 13.62 -32.55 12.49
N ASN D 47 14.07 -33.78 12.66
CA ASN D 47 14.48 -34.66 11.47
C ASN D 47 13.31 -34.83 10.46
N LEU D 48 12.08 -35.07 10.97
CA LEU D 48 10.97 -35.20 10.07
C LEU D 48 10.57 -33.87 9.38
N VAL D 49 10.60 -32.78 10.12
CA VAL D 49 10.20 -31.48 9.56
C VAL D 49 11.25 -30.81 8.65
N GLN D 50 12.54 -31.00 8.91
CA GLN D 50 13.59 -30.20 8.14
C GLN D 50 13.41 -30.29 6.61
N LYS D 51 12.80 -31.38 6.14
CA LYS D 51 12.58 -31.56 4.71
C LYS D 51 11.49 -30.66 4.10
N ASN D 52 10.67 -30.04 4.96
CA ASN D 52 9.52 -29.22 4.54
C ASN D 52 8.61 -29.94 3.53
N LYS D 53 8.35 -31.23 3.80
CA LYS D 53 7.42 -31.98 2.95
C LYS D 53 6.07 -32.25 3.67
N ILE D 54 6.07 -32.26 4.98
CA ILE D 54 4.83 -32.56 5.73
C ILE D 54 4.10 -31.25 5.85
N ASP D 55 2.81 -31.23 5.58
CA ASP D 55 1.98 -30.00 5.82
C ASP D 55 1.68 -29.95 7.30
N LEU D 56 2.31 -29.03 8.00
CA LEU D 56 2.23 -28.97 9.47
C LEU D 56 0.85 -28.53 9.95
N ASN D 57 0.03 -28.07 9.03
CA ASN D 57 -1.35 -27.74 9.31
C ASN D 57 -2.32 -28.82 8.91
N ALA D 58 -1.87 -29.92 8.34
CA ALA D 58 -2.80 -31.03 8.04
C ALA D 58 -3.27 -31.66 9.36
N GLN D 59 -4.57 -31.95 9.40
CA GLN D 59 -5.19 -32.56 10.58
C GLN D 59 -5.44 -34.01 10.36
N ASP D 60 -5.33 -34.81 11.42
CA ASP D 60 -5.57 -36.26 11.33
C ASP D 60 -7.01 -36.59 11.51
N GLU D 61 -7.31 -37.88 11.67
CA GLU D 61 -8.65 -38.37 11.79
C GLU D 61 -9.47 -37.83 13.00
N THR D 62 -8.80 -37.41 14.07
CA THR D 62 -9.51 -36.78 15.21
C THR D 62 -9.31 -35.27 15.24
N GLY D 63 -8.83 -34.71 14.14
CA GLY D 63 -8.67 -33.28 14.04
C GLY D 63 -7.39 -32.73 14.68
N MET D 64 -6.52 -33.64 15.10
CA MET D 64 -5.27 -33.20 15.76
C MET D 64 -4.16 -32.79 14.76
N THR D 65 -3.43 -31.75 15.12
CA THR D 65 -2.25 -31.29 14.41
C THR D 65 -0.98 -31.62 15.24
N PRO D 66 0.19 -31.46 14.65
CA PRO D 66 1.44 -31.59 15.45
C PRO D 66 1.56 -30.64 16.60
N LEU D 67 1.08 -29.42 16.42
CA LEU D 67 1.07 -28.46 17.52
C LEU D 67 0.20 -28.92 18.69
N MET D 68 -1.01 -29.36 18.40
CA MET D 68 -1.85 -29.85 19.47
C MET D 68 -1.22 -31.01 20.21
N ASN D 69 -0.63 -31.98 19.47
CA ASN D 69 0.09 -33.06 20.10
C ASN D 69 1.24 -32.62 20.97
N ALA D 70 2.04 -31.63 20.48
CA ALA D 70 3.13 -31.08 21.28
C ALA D 70 2.65 -30.50 22.56
N ALA D 71 1.51 -29.85 22.54
CA ALA D 71 0.96 -29.48 23.85
C ALA D 71 0.79 -30.71 24.80
N MET D 72 0.32 -31.83 24.29
CA MET D 72 0.10 -32.98 25.09
C MET D 72 1.37 -33.59 25.64
N GLY D 73 2.44 -33.60 24.83
CA GLY D 73 3.74 -34.10 25.32
C GLY D 73 4.43 -33.16 26.27
N GLY D 74 3.97 -31.89 26.34
CA GLY D 74 4.49 -30.90 27.27
C GLY D 74 5.87 -30.46 26.86
N ASN D 75 6.36 -30.82 25.67
CA ASN D 75 7.72 -30.39 25.32
C ASN D 75 7.66 -29.01 24.67
N LEU D 76 8.19 -28.13 25.52
CA LEU D 76 8.07 -26.73 25.33
C LEU D 76 9.03 -26.43 24.17
N ASP D 77 10.15 -27.17 24.14
CA ASP D 77 11.08 -27.09 22.96
C ASP D 77 10.42 -27.49 21.65
N ILE D 78 9.57 -28.54 21.63
CA ILE D 78 8.81 -28.85 20.43
C ILE D 78 7.83 -27.77 20.02
N VAL D 79 7.06 -27.27 21.00
CA VAL D 79 6.10 -26.18 20.71
C VAL D 79 6.80 -24.97 20.15
N LYS D 80 7.92 -24.58 20.74
CA LYS D 80 8.71 -23.45 20.20
C LYS D 80 9.24 -23.66 18.76
N PHE D 81 9.66 -24.89 18.48
CA PHE D 81 10.12 -25.25 17.13
C PHE D 81 8.98 -25.13 16.10
N LEU D 82 7.82 -25.70 16.43
CA LEU D 82 6.69 -25.60 15.52
C LEU D 82 6.20 -24.19 15.30
N LEU D 83 6.15 -23.41 16.39
CA LEU D 83 5.81 -21.99 16.27
C LEU D 83 6.74 -21.21 15.39
N SER D 84 8.02 -21.57 15.35
CA SER D 84 8.96 -20.95 14.40
C SER D 84 8.58 -21.23 12.93
N LYS D 85 7.77 -22.25 12.66
CA LYS D 85 7.38 -22.58 11.29
C LYS D 85 6.05 -21.91 10.88
N LYS D 86 5.53 -21.05 11.75
CA LYS D 86 4.37 -20.20 11.42
C LYS D 86 3.08 -21.06 11.21
N VAL D 87 2.93 -22.11 11.99
CA VAL D 87 1.75 -22.96 11.92
C VAL D 87 0.49 -22.16 12.22
N ASN D 88 -0.67 -22.65 11.72
CA ASN D 88 -1.96 -22.06 12.01
C ASN D 88 -2.34 -22.40 13.49
N LEU D 89 -2.44 -21.36 14.32
CA LEU D 89 -2.69 -21.59 15.77
C LEU D 89 -4.15 -21.89 16.04
N GLU D 90 -5.04 -21.71 15.06
CA GLU D 90 -6.44 -21.66 15.30
C GLU D 90 -7.22 -22.85 14.76
N LEU D 91 -6.54 -23.83 14.24
CA LEU D 91 -7.20 -25.09 13.88
C LEU D 91 -7.76 -25.76 15.10
N LYS D 92 -8.92 -26.38 14.92
CA LYS D 92 -9.60 -27.01 16.07
C LYS D 92 -9.70 -28.52 15.89
N ASN D 93 -9.55 -29.26 16.98
CA ASN D 93 -9.79 -30.72 16.92
C ASN D 93 -11.29 -31.01 16.83
N ASN D 94 -11.65 -32.29 16.80
CA ASN D 94 -13.09 -32.61 16.63
C ASN D 94 -13.93 -32.22 17.79
N GLY D 95 -13.29 -32.02 18.95
CA GLY D 95 -13.95 -31.48 20.14
C GLY D 95 -14.12 -29.95 20.13
N GLY D 96 -13.62 -29.28 19.08
CA GLY D 96 -13.75 -27.83 18.96
C GLY D 96 -12.66 -27.03 19.65
N GLU D 97 -11.53 -27.66 20.00
CA GLU D 97 -10.52 -26.95 20.74
C GLU D 97 -9.33 -26.58 19.86
N THR D 98 -8.86 -25.33 20.02
CA THR D 98 -7.54 -24.98 19.49
C THR D 98 -6.42 -25.53 20.37
N ALA D 99 -5.19 -25.47 19.84
CA ALA D 99 -3.99 -25.86 20.62
C ALA D 99 -3.99 -25.19 21.97
N LEU D 100 -4.31 -23.90 22.04
CA LEU D 100 -4.32 -23.20 23.33
C LEU D 100 -5.39 -23.73 24.29
N ALA D 101 -6.58 -23.96 23.80
CA ALA D 101 -7.65 -24.59 24.64
C ALA D 101 -7.31 -25.96 25.05
N PHE D 102 -6.69 -26.75 24.18
CA PHE D 102 -6.32 -28.09 24.46
C PHE D 102 -5.21 -28.03 25.55
N ALA D 103 -4.28 -27.09 25.48
CA ALA D 103 -3.21 -26.94 26.49
C ALA D 103 -3.87 -26.71 27.85
N VAL D 104 -4.76 -25.72 27.91
CA VAL D 104 -5.36 -25.30 29.20
C VAL D 104 -6.24 -26.41 29.76
N THR D 105 -7.05 -27.06 28.90
CA THR D 105 -7.89 -28.19 29.30
C THR D 105 -7.10 -29.36 29.85
N ASN D 106 -5.87 -29.55 29.34
CA ASN D 106 -5.02 -30.63 29.77
C ASN D 106 -3.95 -30.14 30.73
N ASP D 107 -4.12 -28.98 31.31
CA ASP D 107 -3.19 -28.49 32.41
C ASP D 107 -1.75 -28.30 32.01
N ALA D 108 -1.51 -27.99 30.73
CA ALA D 108 -0.18 -27.71 30.20
C ALA D 108 0.02 -26.19 30.18
N TYR D 109 0.17 -25.62 31.38
CA TYR D 109 0.19 -24.11 31.48
C TYR D 109 1.49 -23.49 30.95
N ASP D 110 2.57 -24.19 31.03
CA ASP D 110 3.82 -23.68 30.35
C ASP D 110 3.66 -23.53 28.81
N VAL D 111 3.02 -24.53 28.24
CA VAL D 111 2.72 -24.47 26.81
C VAL D 111 1.73 -23.37 26.51
N ALA D 112 0.72 -23.25 27.35
CA ALA D 112 -0.24 -22.16 27.15
C ALA D 112 0.42 -20.81 27.06
N GLU D 113 1.36 -20.56 27.94
CA GLU D 113 2.04 -19.27 27.94
C GLU D 113 2.78 -18.99 26.65
N GLU D 114 3.48 -20.01 26.16
CA GLU D 114 4.17 -19.90 24.85
C GLU D 114 3.23 -19.58 23.68
N LEU D 115 2.09 -20.25 23.69
CA LEU D 115 1.08 -20.02 22.65
C LEU D 115 0.46 -18.60 22.69
N ILE D 116 0.19 -18.13 23.90
CA ILE D 116 -0.31 -16.76 24.04
C ILE D 116 0.71 -15.75 23.53
N LYS D 117 1.94 -15.91 23.95
CA LYS D 117 3.02 -15.08 23.44
C LYS D 117 3.14 -15.07 21.91
N ALA D 118 2.88 -16.21 21.26
CA ALA D 118 2.94 -16.26 19.81
C ALA D 118 1.70 -15.70 19.10
N GLY D 119 0.71 -15.27 19.85
CA GLY D 119 -0.43 -14.58 19.29
C GLY D 119 -1.66 -15.47 19.18
N ALA D 120 -1.71 -16.61 19.90
CA ALA D 120 -2.87 -17.45 19.84
C ALA D 120 -4.08 -16.70 20.38
N ASN D 121 -5.21 -16.82 19.71
CA ASN D 121 -6.46 -16.21 20.14
C ASN D 121 -6.81 -16.72 21.58
N VAL D 122 -7.00 -15.77 22.48
CA VAL D 122 -7.41 -16.13 23.89
C VAL D 122 -8.90 -16.04 24.11
N ASP D 123 -9.63 -15.46 23.16
CA ASP D 123 -11.09 -15.34 23.24
C ASP D 123 -11.76 -16.54 22.60
N ILE D 124 -11.62 -17.66 23.25
CA ILE D 124 -12.08 -18.98 22.76
C ILE D 124 -12.77 -19.71 23.90
N ILE D 125 -13.45 -20.80 23.55
CA ILE D 125 -14.21 -21.64 24.46
C ILE D 125 -13.47 -22.92 24.64
N VAL D 126 -13.47 -23.48 25.85
CA VAL D 126 -12.95 -24.83 26.06
C VAL D 126 -14.09 -25.86 26.01
N ALA D 127 -13.70 -27.07 25.71
CA ALA D 127 -14.65 -28.21 25.54
C ALA D 127 -15.38 -28.43 26.84
N GLY D 128 -16.64 -28.79 26.75
CA GLY D 128 -17.45 -29.24 27.93
C GLY D 128 -18.86 -28.72 27.77
N ASP D 129 -19.72 -29.17 28.63
CA ASP D 129 -21.17 -28.83 28.55
C ASP D 129 -21.43 -27.37 28.81
N GLU D 130 -20.66 -26.75 29.69
CA GLU D 130 -20.96 -25.35 30.11
C GLU D 130 -20.50 -24.27 29.16
N GLY D 131 -19.63 -24.63 28.22
CA GLY D 131 -19.07 -23.64 27.32
C GLY D 131 -18.27 -22.58 28.05
N ASP D 132 -17.45 -23.01 28.99
CA ASP D 132 -16.60 -22.09 29.72
C ASP D 132 -15.57 -21.43 28.78
N THR D 133 -15.25 -20.17 29.09
CA THR D 133 -14.22 -19.46 28.33
C THR D 133 -12.86 -19.96 28.75
N LEU D 134 -11.89 -19.73 27.89
CA LEU D 134 -10.47 -19.98 28.25
C LEU D 134 -10.07 -19.27 29.50
N PHE D 135 -10.48 -18.02 29.64
CA PHE D 135 -10.20 -17.29 30.83
C PHE D 135 -10.74 -18.01 32.08
N MET D 136 -12.01 -18.41 32.05
CA MET D 136 -12.63 -19.06 33.20
C MET D 136 -11.84 -20.34 33.61
N ARG D 137 -11.45 -21.11 32.62
CA ARG D 137 -10.73 -22.37 32.96
C ARG D 137 -9.35 -22.03 33.56
N ALA D 138 -8.68 -21.00 33.03
CA ALA D 138 -7.38 -20.60 33.59
C ALA D 138 -7.55 -20.01 34.97
N ALA D 139 -8.60 -19.21 35.17
CA ALA D 139 -8.84 -18.61 36.50
C ALA D 139 -9.06 -19.64 37.57
N GLN D 140 -9.60 -20.78 37.20
CA GLN D 140 -9.80 -21.84 38.15
C GLN D 140 -8.47 -22.55 38.54
N ASN D 141 -7.51 -22.59 37.67
CA ASN D 141 -6.35 -23.50 37.77
C ASN D 141 -4.97 -22.87 37.81
N ASN D 142 -4.79 -21.69 37.21
CA ASN D 142 -3.49 -21.09 37.10
C ASN D 142 -3.61 -19.57 36.95
N LYS D 143 -3.33 -18.88 38.03
CA LYS D 143 -3.52 -17.41 38.07
C LYS D 143 -2.60 -16.65 37.06
N LYS D 144 -1.38 -17.12 36.89
CA LYS D 144 -0.46 -16.47 35.98
C LYS D 144 -1.05 -16.50 34.53
N THR D 145 -1.59 -17.64 34.10
CA THR D 145 -2.17 -17.73 32.77
C THR D 145 -3.43 -16.92 32.66
N ALA D 146 -4.25 -16.91 33.71
CA ALA D 146 -5.40 -16.11 33.73
C ALA D 146 -4.98 -14.61 33.53
N GLU D 147 -3.94 -14.17 34.20
CA GLU D 147 -3.44 -12.78 34.04
C GLU D 147 -2.91 -12.54 32.60
N SER D 148 -2.25 -13.54 32.01
CA SER D 148 -1.74 -13.40 30.60
C SER D 148 -2.90 -13.21 29.58
N ILE D 149 -3.97 -13.91 29.82
CA ILE D 149 -5.19 -13.81 29.00
C ILE D 149 -5.85 -12.44 29.12
N LEU D 150 -5.98 -11.95 30.33
CA LEU D 150 -6.50 -10.62 30.53
C LEU D 150 -5.62 -9.52 29.96
N ALA D 151 -4.31 -9.69 29.99
CA ALA D 151 -3.45 -8.69 29.42
C ALA D 151 -3.76 -8.54 27.92
N LYS D 152 -4.13 -9.63 27.25
CA LYS D 152 -4.52 -9.54 25.84
C LYS D 152 -5.91 -8.94 25.61
N ASN D 153 -6.84 -9.21 26.50
CA ASN D 153 -8.21 -8.69 26.37
C ASN D 153 -8.87 -8.64 27.74
N LYS D 154 -8.78 -7.48 28.33
CA LYS D 154 -9.20 -7.31 29.74
C LYS D 154 -10.70 -7.54 29.91
N SER D 155 -11.52 -7.34 28.86
CA SER D 155 -12.96 -7.55 28.93
C SER D 155 -13.37 -9.02 29.13
N LEU D 156 -12.45 -9.96 28.87
CA LEU D 156 -12.79 -11.38 29.10
C LEU D 156 -13.16 -11.69 30.55
N ILE D 157 -12.79 -10.82 31.50
CA ILE D 157 -13.17 -11.04 32.89
C ILE D 157 -14.67 -11.21 33.04
N ASN D 158 -15.45 -10.53 32.21
CA ASN D 158 -16.90 -10.61 32.28
C ASN D 158 -17.58 -11.34 31.18
N LYS D 159 -16.85 -12.10 30.38
CA LYS D 159 -17.48 -12.86 29.31
C LYS D 159 -18.07 -14.17 29.86
N ALA D 160 -19.37 -14.38 29.63
CA ALA D 160 -20.08 -15.48 30.34
C ALA D 160 -20.04 -16.74 29.49
N ASN D 161 -20.24 -17.84 30.18
CA ASN D 161 -20.43 -19.14 29.54
C ASN D 161 -21.87 -19.38 29.09
N THR D 162 -22.20 -20.59 28.72
CA THR D 162 -23.55 -20.86 28.11
C THR D 162 -24.67 -20.77 29.15
N LEU D 163 -24.35 -20.90 30.42
CA LEU D 163 -25.29 -20.67 31.51
C LEU D 163 -25.38 -19.20 31.96
N GLY D 164 -24.64 -18.29 31.32
CA GLY D 164 -24.60 -16.91 31.74
C GLY D 164 -23.70 -16.62 32.94
N GLU D 165 -22.77 -17.54 33.24
CA GLU D 165 -21.89 -17.38 34.39
C GLU D 165 -20.49 -17.02 33.93
N THR D 166 -19.84 -16.20 34.75
CA THR D 166 -18.41 -15.82 34.62
C THR D 166 -17.60 -16.50 35.72
N ALA D 167 -16.31 -16.27 35.73
CA ALA D 167 -15.41 -16.81 36.74
C ALA D 167 -15.87 -16.47 38.15
N LEU D 168 -16.47 -15.30 38.35
CA LEU D 168 -16.90 -14.87 39.66
C LEU D 168 -17.93 -15.82 40.25
N PHE D 169 -18.75 -16.44 39.41
CA PHE D 169 -19.78 -17.36 39.90
C PHE D 169 -19.18 -18.60 40.46
N ALA D 170 -18.21 -19.20 39.74
CA ALA D 170 -17.56 -20.39 40.26
C ALA D 170 -16.85 -20.16 41.61
N VAL D 171 -16.22 -19.01 41.74
CA VAL D 171 -15.56 -18.70 42.96
C VAL D 171 -16.59 -18.43 44.07
N ALA D 172 -17.68 -17.76 43.72
CA ALA D 172 -18.76 -17.47 44.69
C ALA D 172 -19.25 -18.77 45.34
N ARG D 173 -19.42 -19.78 44.50
CA ARG D 173 -19.90 -21.11 45.03
C ARG D 173 -18.91 -21.91 45.79
N TYR D 174 -17.73 -22.08 45.17
CA TYR D 174 -16.77 -23.06 45.66
C TYR D 174 -15.40 -22.53 46.06
N GLY D 175 -15.21 -21.21 45.97
CA GLY D 175 -13.89 -20.60 46.20
C GLY D 175 -13.85 -19.82 47.50
N THR D 176 -12.86 -18.93 47.59
CA THR D 176 -12.55 -18.22 48.82
C THR D 176 -12.56 -16.70 48.61
N PRO D 177 -12.62 -15.91 49.69
CA PRO D 177 -12.58 -14.47 49.55
C PRO D 177 -11.33 -13.96 48.81
N ALA D 178 -10.18 -14.60 48.96
CA ALA D 178 -8.97 -14.15 48.22
C ALA D 178 -9.19 -14.24 46.68
N ASP D 179 -9.94 -15.23 46.24
CA ASP D 179 -10.29 -15.38 44.83
C ASP D 179 -11.29 -14.33 44.39
N ILE D 180 -12.27 -14.00 45.25
CA ILE D 180 -13.19 -12.91 44.96
C ILE D 180 -12.42 -11.61 44.77
N ASP D 181 -11.51 -11.30 45.70
CA ASP D 181 -10.70 -10.08 45.63
C ASP D 181 -9.96 -9.99 44.31
N PHE D 182 -9.37 -11.09 43.90
CA PHE D 182 -8.57 -11.12 42.65
C PHE D 182 -9.44 -10.71 41.44
N LEU D 183 -10.64 -11.26 41.34
CA LEU D 183 -11.48 -11.04 40.17
C LEU D 183 -12.11 -9.64 40.20
N ILE D 184 -12.42 -9.12 41.40
CA ILE D 184 -12.92 -7.75 41.50
C ILE D 184 -11.85 -6.79 41.12
N LYS D 185 -10.63 -7.03 41.56
CA LYS D 185 -9.51 -6.16 41.20
C LYS D 185 -9.35 -6.04 39.64
N LYS D 186 -9.58 -7.14 38.96
CA LYS D 186 -9.45 -7.21 37.50
C LYS D 186 -10.72 -6.72 36.78
N GLY D 187 -11.70 -6.21 37.49
CA GLY D 187 -12.87 -5.60 36.86
C GLY D 187 -14.11 -6.44 36.75
N ALA D 188 -14.20 -7.51 37.52
CA ALA D 188 -15.40 -8.32 37.53
C ALA D 188 -16.58 -7.45 37.95
N ASP D 189 -17.69 -7.59 37.22
CA ASP D 189 -18.91 -6.79 37.50
C ASP D 189 -19.88 -7.66 38.32
N LEU D 190 -20.05 -7.29 39.58
CA LEU D 190 -20.79 -8.14 40.48
C LEU D 190 -22.33 -8.09 40.25
N LYS D 191 -22.81 -7.16 39.46
CA LYS D 191 -24.22 -7.08 39.15
C LYS D 191 -24.71 -8.03 38.11
N LEU D 192 -23.80 -8.66 37.38
CA LEU D 192 -24.23 -9.49 36.24
C LEU D 192 -25.10 -10.65 36.71
N LYS D 193 -26.10 -10.98 35.91
CA LYS D 193 -26.97 -12.10 36.24
C LYS D 193 -26.80 -13.26 35.24
N ASN D 194 -26.92 -14.47 35.77
CA ASN D 194 -26.91 -15.63 34.89
C ASN D 194 -28.22 -15.82 34.23
N LYS D 195 -28.41 -16.90 33.46
CA LYS D 195 -29.65 -17.12 32.73
C LYS D 195 -30.83 -17.45 33.64
N LYS D 196 -30.57 -17.84 34.87
CA LYS D 196 -31.63 -18.01 35.88
C LYS D 196 -31.97 -16.72 36.64
N GLY D 197 -31.28 -15.62 36.34
CA GLY D 197 -31.56 -14.33 36.97
C GLY D 197 -30.82 -14.17 38.29
N GLN D 198 -29.74 -14.94 38.52
CA GLN D 198 -28.98 -14.90 39.74
C GLN D 198 -27.70 -14.16 39.61
N THR D 199 -27.30 -13.44 40.63
CA THR D 199 -25.95 -12.82 40.68
C THR D 199 -24.99 -13.78 41.35
N ALA D 200 -23.70 -13.43 41.34
CA ALA D 200 -22.71 -14.16 42.07
C ALA D 200 -23.00 -14.26 43.55
N LEU D 201 -23.48 -13.19 44.11
CA LEU D 201 -23.88 -13.20 45.50
C LEU D 201 -24.98 -14.23 45.76
N ASP D 202 -25.97 -14.21 44.89
CA ASP D 202 -27.10 -15.19 45.01
C ASP D 202 -26.55 -16.63 45.00
N VAL D 203 -25.56 -16.95 44.16
CA VAL D 203 -25.10 -18.37 44.08
C VAL D 203 -24.20 -18.68 45.25
N ALA D 204 -23.54 -17.66 45.80
CA ALA D 204 -22.77 -17.88 47.05
C ALA D 204 -23.68 -18.25 48.20
N LYS D 205 -24.79 -17.51 48.34
CA LYS D 205 -25.76 -17.81 49.37
C LYS D 205 -26.33 -19.21 49.21
N GLU D 206 -26.73 -19.54 47.98
CA GLU D 206 -27.25 -20.90 47.71
C GLU D 206 -26.28 -22.00 48.07
N ALA D 207 -24.99 -21.77 47.81
CA ALA D 207 -23.96 -22.73 48.10
C ALA D 207 -23.57 -22.74 49.59
N SER D 208 -24.16 -21.89 50.43
CA SER D 208 -23.78 -21.78 51.85
C SER D 208 -22.29 -21.44 51.98
N ASN D 209 -21.77 -20.64 51.05
CA ASN D 209 -20.44 -20.12 51.16
C ASN D 209 -20.51 -18.73 51.85
N GLN D 210 -20.45 -18.75 53.19
CA GLN D 210 -20.68 -17.55 53.96
C GLN D 210 -19.52 -16.58 53.77
N ASP D 211 -18.29 -17.08 53.57
CA ASP D 211 -17.12 -16.23 53.43
C ASP D 211 -17.15 -15.48 52.11
N THR D 212 -17.51 -16.14 51.04
CA THR D 212 -17.60 -15.43 49.72
C THR D 212 -18.80 -14.51 49.65
N ALA D 213 -19.91 -14.89 50.30
CA ALA D 213 -21.08 -14.05 50.35
C ALA D 213 -20.72 -12.73 51.08
N LYS D 214 -20.06 -12.85 52.23
CA LYS D 214 -19.63 -11.69 52.98
C LYS D 214 -18.72 -10.77 52.15
N ALA D 215 -17.75 -11.35 51.47
CA ALA D 215 -16.82 -10.58 50.62
C ALA D 215 -17.56 -9.86 49.49
N LEU D 216 -18.52 -10.55 48.85
CA LEU D 216 -19.34 -9.94 47.78
C LEU D 216 -20.31 -8.87 48.33
N SER D 217 -20.84 -9.08 49.53
CA SER D 217 -21.72 -8.08 50.18
C SER D 217 -21.06 -6.79 50.54
N LYS D 218 -19.86 -6.94 51.08
CA LYS D 218 -19.02 -5.82 51.42
C LYS D 218 -18.74 -5.00 50.16
N LYS D 219 -18.48 -5.67 49.04
CA LYS D 219 -18.21 -4.98 47.77
C LYS D 219 -19.45 -4.29 47.18
N LYS D 220 -20.62 -4.94 47.32
CA LYS D 220 -21.93 -4.39 46.92
C LYS D 220 -22.45 -3.29 47.87
N LYS E 28 -49.49 38.28 -9.29
CA LYS E 28 -49.66 38.60 -10.74
C LYS E 28 -48.35 38.57 -11.61
N SER E 29 -48.36 37.74 -12.67
CA SER E 29 -47.17 37.50 -13.55
C SER E 29 -47.33 38.24 -14.88
N SER E 30 -46.25 38.31 -15.66
CA SER E 30 -46.22 39.13 -16.86
C SER E 30 -45.51 38.33 -17.91
N LYS E 31 -46.22 37.98 -18.96
CA LYS E 31 -45.53 37.33 -20.07
C LYS E 31 -44.48 38.26 -20.70
N ALA E 32 -44.73 39.57 -20.76
CA ALA E 32 -43.76 40.47 -21.38
C ALA E 32 -42.46 40.48 -20.59
N LEU E 33 -42.55 40.47 -19.26
CA LEU E 33 -41.37 40.39 -18.42
C LEU E 33 -40.63 39.06 -18.59
N ASN E 34 -41.38 37.95 -18.58
CA ASN E 34 -40.77 36.66 -18.79
C ASN E 34 -40.06 36.52 -20.14
N GLU E 35 -40.69 37.00 -21.20
CA GLU E 35 -40.06 36.99 -22.52
C GLU E 35 -38.83 37.89 -22.60
N ALA E 36 -38.88 39.07 -22.02
CA ALA E 36 -37.73 39.97 -21.98
C ALA E 36 -36.58 39.35 -21.17
N ALA E 37 -36.91 38.65 -20.08
CA ALA E 37 -35.87 38.02 -19.29
C ALA E 37 -35.18 36.87 -20.04
N GLU E 38 -35.95 36.09 -20.79
CA GLU E 38 -35.42 35.02 -21.60
C GLU E 38 -34.62 35.55 -22.78
N GLN E 39 -35.10 36.61 -23.41
CA GLN E 39 -34.44 37.16 -24.61
C GLN E 39 -33.23 38.05 -24.31
N GLY E 40 -33.09 38.48 -23.08
CA GLY E 40 -31.93 39.26 -22.68
C GLY E 40 -32.08 40.74 -22.88
N ASP E 41 -33.31 41.26 -22.80
CA ASP E 41 -33.57 42.72 -22.93
C ASP E 41 -33.62 43.40 -21.54
N LEU E 42 -32.46 43.83 -21.06
CA LEU E 42 -32.33 44.36 -19.71
C LEU E 42 -33.16 45.63 -19.50
N ALA E 43 -33.08 46.56 -20.44
CA ALA E 43 -33.86 47.82 -20.37
C ALA E 43 -35.36 47.56 -20.23
N LYS E 44 -35.87 46.62 -21.00
CA LYS E 44 -37.28 46.27 -20.92
C LYS E 44 -37.64 45.65 -19.56
N VAL E 45 -36.78 44.80 -19.04
CA VAL E 45 -37.00 44.21 -17.73
C VAL E 45 -37.07 45.31 -16.69
N LYS E 46 -36.11 46.22 -16.73
CA LYS E 46 -36.06 47.29 -15.74
C LYS E 46 -37.27 48.22 -15.82
N ASN E 47 -37.66 48.61 -17.05
CA ASN E 47 -38.85 49.45 -17.25
C ASN E 47 -40.12 48.78 -16.72
N LEU E 48 -40.31 47.49 -16.99
CA LEU E 48 -41.48 46.78 -16.46
C LEU E 48 -41.46 46.63 -14.92
N VAL E 49 -40.29 46.29 -14.37
CA VAL E 49 -40.17 46.13 -12.92
C VAL E 49 -40.34 47.46 -12.17
N GLN E 50 -39.90 48.58 -12.76
CA GLN E 50 -40.01 49.92 -12.11
C GLN E 50 -41.44 50.35 -11.87
N LYS E 51 -42.41 49.82 -12.60
CA LYS E 51 -43.81 50.13 -12.33
C LYS E 51 -44.34 49.51 -11.03
N ASN E 52 -43.60 48.54 -10.46
CA ASN E 52 -44.00 47.82 -9.24
C ASN E 52 -45.44 47.28 -9.31
N LYS E 53 -45.80 46.70 -10.46
CA LYS E 53 -47.11 46.08 -10.66
C LYS E 53 -47.02 44.56 -10.69
N ILE E 54 -45.84 44.02 -10.94
CA ILE E 54 -45.69 42.60 -11.13
C ILE E 54 -45.10 41.93 -9.89
N ASP E 55 -45.66 40.79 -9.48
CA ASP E 55 -45.05 39.96 -8.43
C ASP E 55 -43.94 39.15 -9.11
N LEU E 56 -42.70 39.48 -8.79
CA LEU E 56 -41.55 38.79 -9.41
C LEU E 56 -41.40 37.31 -9.06
N ASN E 57 -42.11 36.85 -8.03
CA ASN E 57 -42.14 35.45 -7.70
C ASN E 57 -43.33 34.71 -8.29
N ALA E 58 -44.25 35.40 -8.99
CA ALA E 58 -45.45 34.70 -9.48
C ALA E 58 -45.01 33.78 -10.61
N GLN E 59 -45.60 32.59 -10.61
CA GLN E 59 -45.25 31.54 -11.56
C GLN E 59 -46.33 31.47 -12.62
N ASP E 60 -45.91 31.28 -13.87
CA ASP E 60 -46.85 31.20 -15.00
C ASP E 60 -47.41 29.78 -15.11
N GLU E 61 -48.15 29.52 -16.19
CA GLU E 61 -48.87 28.24 -16.37
C GLU E 61 -47.93 26.99 -16.36
N THR E 62 -46.65 27.16 -16.70
CA THR E 62 -45.69 26.03 -16.67
C THR E 62 -44.77 26.12 -15.44
N GLY E 63 -45.11 27.00 -14.47
CA GLY E 63 -44.31 27.12 -13.28
C GLY E 63 -43.11 28.03 -13.42
N MET E 64 -42.95 28.72 -14.55
CA MET E 64 -41.76 29.57 -14.78
C MET E 64 -41.88 30.92 -14.09
N THR E 65 -40.75 31.40 -13.54
CA THR E 65 -40.60 32.77 -13.05
C THR E 65 -39.67 33.61 -13.96
N PRO E 66 -39.65 34.92 -13.76
CA PRO E 66 -38.66 35.75 -14.45
C PRO E 66 -37.20 35.26 -14.24
N LEU E 67 -36.84 34.88 -13.01
CA LEU E 67 -35.49 34.44 -12.69
C LEU E 67 -35.14 33.15 -13.47
N MET E 68 -36.07 32.18 -13.52
CA MET E 68 -35.85 31.01 -14.35
C MET E 68 -35.62 31.36 -15.83
N ASN E 69 -36.40 32.28 -16.36
CA ASN E 69 -36.25 32.72 -17.74
C ASN E 69 -34.89 33.38 -17.99
N ALA E 70 -34.46 34.23 -17.06
CA ALA E 70 -33.18 34.92 -17.18
C ALA E 70 -32.02 33.92 -17.16
N ALA E 71 -32.16 32.90 -16.32
CA ALA E 71 -31.14 31.89 -16.17
C ALA E 71 -31.08 30.95 -17.39
N MET E 72 -32.25 30.50 -17.84
CA MET E 72 -32.36 29.70 -19.04
C MET E 72 -31.73 30.39 -20.23
N GLY E 73 -31.94 31.69 -20.35
CA GLY E 73 -31.39 32.41 -21.49
C GLY E 73 -29.98 32.87 -21.31
N GLY E 74 -29.36 32.60 -20.15
CA GLY E 74 -27.96 32.92 -19.91
C GLY E 74 -27.67 34.41 -19.74
N ASN E 75 -28.64 35.15 -19.16
CA ASN E 75 -28.55 36.62 -19.09
C ASN E 75 -28.12 37.09 -17.73
N LEU E 76 -26.80 37.22 -17.55
CA LEU E 76 -26.20 37.57 -16.26
C LEU E 76 -26.65 38.90 -15.67
N ASP E 77 -26.67 39.94 -16.50
CA ASP E 77 -27.15 41.27 -16.10
C ASP E 77 -28.58 41.26 -15.54
N ILE E 78 -29.46 40.52 -16.21
CA ILE E 78 -30.85 40.40 -15.77
C ILE E 78 -30.95 39.61 -14.47
N VAL E 79 -30.20 38.51 -14.40
CA VAL E 79 -30.14 37.74 -13.18
C VAL E 79 -29.68 38.62 -11.99
N LYS E 80 -28.62 39.37 -12.17
CA LYS E 80 -28.14 40.26 -11.09
C LYS E 80 -29.20 41.28 -10.65
N PHE E 81 -29.91 41.83 -11.63
CA PHE E 81 -30.96 42.78 -11.36
C PHE E 81 -32.09 42.14 -10.54
N LEU E 82 -32.53 40.95 -10.94
CA LEU E 82 -33.56 40.25 -10.21
C LEU E 82 -33.13 39.87 -8.81
N LEU E 83 -31.87 39.46 -8.67
CA LEU E 83 -31.34 39.12 -7.35
C LEU E 83 -31.34 40.34 -6.45
N SER E 84 -31.13 41.54 -7.02
CA SER E 84 -31.19 42.79 -6.21
C SER E 84 -32.62 43.08 -5.69
N LYS E 85 -33.65 42.50 -6.31
CA LYS E 85 -35.02 42.58 -5.82
C LYS E 85 -35.41 41.43 -4.85
N LYS E 86 -34.47 40.59 -4.45
CA LYS E 86 -34.68 39.59 -3.42
C LYS E 86 -35.74 38.54 -3.80
N VAL E 87 -35.71 38.16 -5.06
CA VAL E 87 -36.58 37.10 -5.55
C VAL E 87 -36.25 35.75 -4.88
N ASN E 88 -37.27 34.89 -4.86
CA ASN E 88 -37.13 33.52 -4.29
C ASN E 88 -36.30 32.62 -5.23
N LEU E 89 -35.18 32.07 -4.75
CA LEU E 89 -34.28 31.28 -5.60
C LEU E 89 -34.75 29.86 -5.83
N GLU E 90 -35.66 29.41 -4.98
CA GLU E 90 -35.93 27.96 -4.85
C GLU E 90 -37.27 27.57 -5.39
N LEU E 91 -37.98 28.47 -6.03
CA LEU E 91 -39.19 28.04 -6.75
C LEU E 91 -38.80 27.07 -7.88
N LYS E 92 -39.71 26.14 -8.17
CA LYS E 92 -39.47 25.16 -9.19
C LYS E 92 -40.54 25.25 -10.29
N ASN E 93 -40.13 25.05 -11.54
CA ASN E 93 -41.12 24.92 -12.61
C ASN E 93 -41.84 23.57 -12.52
N ASN E 94 -42.71 23.29 -13.49
CA ASN E 94 -43.46 22.00 -13.45
C ASN E 94 -42.61 20.75 -13.72
N GLY E 95 -41.43 20.95 -14.31
CA GLY E 95 -40.41 19.90 -14.43
C GLY E 95 -39.53 19.71 -13.19
N GLY E 96 -39.76 20.50 -12.14
CA GLY E 96 -39.06 20.37 -10.87
C GLY E 96 -37.77 21.17 -10.77
N GLU E 97 -37.52 22.08 -11.70
CA GLU E 97 -36.22 22.74 -11.80
C GLU E 97 -36.23 24.15 -11.21
N THR E 98 -35.20 24.48 -10.45
CA THR E 98 -35.00 25.81 -9.98
C THR E 98 -34.20 26.59 -11.04
N ALA E 99 -34.11 27.88 -10.82
CA ALA E 99 -33.29 28.73 -11.69
C ALA E 99 -31.86 28.23 -11.88
N LEU E 100 -31.24 27.77 -10.78
CA LEU E 100 -29.89 27.24 -10.85
C LEU E 100 -29.79 26.01 -11.77
N ALA E 101 -30.79 25.12 -11.66
CA ALA E 101 -30.87 23.99 -12.57
C ALA E 101 -30.99 24.41 -14.06
N PHE E 102 -31.78 25.45 -14.31
CA PHE E 102 -31.87 26.02 -15.66
C PHE E 102 -30.55 26.60 -16.17
N ALA E 103 -29.84 27.27 -15.30
CA ALA E 103 -28.53 27.81 -15.70
C ALA E 103 -27.53 26.72 -16.10
N VAL E 104 -27.43 25.70 -15.25
CA VAL E 104 -26.55 24.59 -15.50
C VAL E 104 -26.95 23.79 -16.75
N THR E 105 -28.21 23.49 -16.91
CA THR E 105 -28.68 22.70 -18.07
C THR E 105 -28.64 23.47 -19.38
N ASN E 106 -28.58 24.80 -19.32
CA ASN E 106 -28.43 25.61 -20.51
C ASN E 106 -27.01 26.17 -20.69
N ASP E 107 -26.04 25.63 -19.97
CA ASP E 107 -24.60 26.00 -20.14
C ASP E 107 -24.28 27.46 -19.79
N ALA E 108 -25.04 28.03 -18.86
CA ALA E 108 -24.93 29.45 -18.44
C ALA E 108 -24.17 29.46 -17.13
N TYR E 109 -22.89 29.15 -17.25
CA TYR E 109 -22.10 28.86 -16.06
C TYR E 109 -21.70 30.14 -15.31
N ASP E 110 -21.62 31.28 -15.99
CA ASP E 110 -21.52 32.59 -15.30
C ASP E 110 -22.75 32.90 -14.41
N VAL E 111 -23.93 32.63 -14.93
CA VAL E 111 -25.17 32.73 -14.15
C VAL E 111 -25.17 31.74 -12.97
N ALA E 112 -24.75 30.50 -13.24
CA ALA E 112 -24.74 29.49 -12.18
C ALA E 112 -23.87 29.91 -11.00
N GLU E 113 -22.70 30.44 -11.32
CA GLU E 113 -21.79 30.93 -10.31
C GLU E 113 -22.41 32.05 -9.48
N GLU E 114 -23.08 33.00 -10.13
CA GLU E 114 -23.78 34.08 -9.41
C GLU E 114 -24.86 33.57 -8.50
N LEU E 115 -25.65 32.59 -8.97
CA LEU E 115 -26.71 32.05 -8.15
C LEU E 115 -26.15 31.26 -6.96
N ILE E 116 -25.07 30.49 -7.17
CA ILE E 116 -24.43 29.76 -6.06
C ILE E 116 -23.91 30.76 -5.01
N LYS E 117 -23.27 31.83 -5.46
CA LYS E 117 -22.84 32.95 -4.58
C LYS E 117 -23.97 33.61 -3.78
N ALA E 118 -25.14 33.72 -4.39
CA ALA E 118 -26.31 34.27 -3.72
C ALA E 118 -27.01 33.29 -2.81
N GLY E 119 -26.57 32.02 -2.76
CA GLY E 119 -27.00 31.05 -1.76
C GLY E 119 -27.95 30.02 -2.32
N ALA E 120 -28.07 29.94 -3.65
CA ALA E 120 -28.99 28.99 -4.24
C ALA E 120 -28.59 27.58 -3.82
N ASN E 121 -29.59 26.76 -3.51
CA ASN E 121 -29.37 25.34 -3.10
C ASN E 121 -28.70 24.58 -4.27
N VAL E 122 -27.57 23.97 -4.01
CA VAL E 122 -26.84 23.15 -4.99
C VAL E 122 -27.19 21.64 -4.92
N ASP E 123 -27.88 21.23 -3.87
CA ASP E 123 -28.30 19.83 -3.73
C ASP E 123 -29.71 19.66 -4.29
N ILE E 124 -29.76 19.69 -5.62
CA ILE E 124 -31.00 19.66 -6.36
C ILE E 124 -30.82 18.72 -7.54
N ILE E 125 -31.94 18.39 -8.16
CA ILE E 125 -32.02 17.43 -9.25
C ILE E 125 -32.38 18.21 -10.52
N VAL E 126 -31.79 17.82 -11.65
CA VAL E 126 -32.15 18.44 -12.93
C VAL E 126 -33.24 17.59 -13.59
N ALA E 127 -34.02 18.19 -14.46
CA ALA E 127 -35.11 17.47 -15.14
C ALA E 127 -34.60 16.27 -15.94
N GLY E 128 -35.43 15.24 -16.03
CA GLY E 128 -35.21 14.13 -16.94
C GLY E 128 -35.48 12.82 -16.23
N ASP E 129 -35.52 11.74 -16.99
CA ASP E 129 -35.89 10.43 -16.46
C ASP E 129 -34.93 9.93 -15.40
N GLU E 130 -33.65 10.26 -15.53
CA GLU E 130 -32.64 9.68 -14.68
C GLU E 130 -32.52 10.34 -13.31
N GLY E 131 -33.09 11.53 -13.15
CA GLY E 131 -32.98 12.27 -11.91
C GLY E 131 -31.53 12.65 -11.59
N ASP E 132 -30.77 13.07 -12.60
CA ASP E 132 -29.36 13.47 -12.36
C ASP E 132 -29.28 14.62 -11.35
N THR E 133 -28.23 14.64 -10.55
CA THR E 133 -27.97 15.74 -9.64
C THR E 133 -27.40 16.90 -10.43
N LEU E 134 -27.54 18.08 -9.84
CA LEU E 134 -26.86 19.27 -10.39
C LEU E 134 -25.35 19.06 -10.54
N PHE E 135 -24.74 18.47 -9.50
CA PHE E 135 -23.32 18.19 -9.55
C PHE E 135 -22.97 17.34 -10.78
N MET E 136 -23.75 16.28 -11.03
CA MET E 136 -23.52 15.42 -12.21
C MET E 136 -23.54 16.16 -13.51
N ARG E 137 -24.54 17.05 -13.66
CA ARG E 137 -24.63 17.77 -14.89
C ARG E 137 -23.46 18.81 -15.03
N ALA E 138 -23.04 19.44 -13.93
CA ALA E 138 -21.87 20.38 -13.98
C ALA E 138 -20.54 19.64 -14.22
N ALA E 139 -20.40 18.47 -13.63
CA ALA E 139 -19.19 17.68 -13.82
C ALA E 139 -18.99 17.27 -15.27
N GLN E 140 -20.08 17.06 -16.00
CA GLN E 140 -19.99 16.74 -17.41
C GLN E 140 -19.50 17.92 -18.25
N ASN E 141 -19.77 19.16 -17.81
CA ASN E 141 -19.65 20.32 -18.66
C ASN E 141 -18.76 21.46 -18.26
N ASN E 142 -18.57 21.67 -16.97
CA ASN E 142 -17.87 22.85 -16.52
C ASN E 142 -17.25 22.59 -15.18
N LYS E 143 -15.93 22.34 -15.18
CA LYS E 143 -15.25 21.89 -13.97
C LYS E 143 -15.29 22.93 -12.88
N LYS E 144 -15.17 24.20 -13.24
CA LYS E 144 -15.21 25.29 -12.25
C LYS E 144 -16.55 25.30 -11.44
N THR E 145 -17.68 25.18 -12.13
CA THR E 145 -18.97 25.09 -11.43
C THR E 145 -19.11 23.81 -10.63
N ALA E 146 -18.63 22.69 -11.18
CA ALA E 146 -18.62 21.45 -10.44
C ALA E 146 -17.86 21.63 -9.13
N GLU E 147 -16.72 22.34 -9.17
CA GLU E 147 -15.93 22.63 -7.96
C GLU E 147 -16.65 23.56 -7.00
N SER E 148 -17.34 24.58 -7.52
CA SER E 148 -18.15 25.48 -6.68
C SER E 148 -19.24 24.73 -5.91
N ILE E 149 -19.87 23.77 -6.57
CA ILE E 149 -20.90 22.95 -5.96
C ILE E 149 -20.29 22.09 -4.84
N LEU E 150 -19.17 21.46 -5.11
CA LEU E 150 -18.50 20.63 -4.11
C LEU E 150 -17.97 21.45 -2.95
N ALA E 151 -17.56 22.69 -3.18
CA ALA E 151 -17.16 23.55 -2.07
C ALA E 151 -18.33 23.79 -1.11
N LYS E 152 -19.56 23.84 -1.63
CA LYS E 152 -20.73 23.98 -0.77
C LYS E 152 -21.08 22.69 -0.06
N ASN E 153 -20.90 21.55 -0.72
CA ASN E 153 -21.25 20.23 -0.14
C ASN E 153 -20.42 19.15 -0.83
N LYS E 154 -19.31 18.78 -0.20
CA LYS E 154 -18.34 17.89 -0.84
C LYS E 154 -18.86 16.46 -1.02
N SER E 155 -19.84 16.07 -0.21
CA SER E 155 -20.42 14.72 -0.33
C SER E 155 -21.21 14.52 -1.63
N LEU E 156 -21.59 15.61 -2.31
CA LEU E 156 -22.35 15.48 -3.56
C LEU E 156 -21.59 14.71 -4.64
N ILE E 157 -20.26 14.56 -4.53
CA ILE E 157 -19.51 13.72 -5.48
C ILE E 157 -20.07 12.28 -5.58
N ASN E 158 -20.55 11.72 -4.47
CA ASN E 158 -21.06 10.35 -4.48
C ASN E 158 -22.58 10.26 -4.36
N LYS E 159 -23.33 11.35 -4.57
CA LYS E 159 -24.80 11.33 -4.50
C LYS E 159 -25.33 10.79 -5.82
N ALA E 160 -26.10 9.72 -5.75
CA ALA E 160 -26.52 8.99 -6.94
C ALA E 160 -27.84 9.51 -7.48
N ASN E 161 -28.03 9.31 -8.78
CA ASN E 161 -29.29 9.59 -9.44
C ASN E 161 -30.29 8.43 -9.22
N THR E 162 -31.40 8.43 -9.93
CA THR E 162 -32.50 7.47 -9.68
C THR E 162 -32.12 6.05 -10.07
N LEU E 163 -31.15 5.91 -10.96
CA LEU E 163 -30.62 4.62 -11.37
C LEU E 163 -29.49 4.12 -10.45
N GLY E 164 -29.13 4.87 -9.40
CA GLY E 164 -28.03 4.55 -8.54
C GLY E 164 -26.68 4.95 -9.10
N GLU E 165 -26.65 5.85 -10.08
CA GLU E 165 -25.40 6.22 -10.74
C GLU E 165 -24.97 7.63 -10.37
N THR E 166 -23.66 7.80 -10.27
CA THR E 166 -23.01 9.07 -9.97
C THR E 166 -22.31 9.58 -11.21
N ALA E 167 -21.64 10.73 -11.09
CA ALA E 167 -20.87 11.30 -12.17
C ALA E 167 -19.86 10.35 -12.75
N LEU E 168 -19.25 9.54 -11.92
CA LEU E 168 -18.23 8.58 -12.39
C LEU E 168 -18.78 7.58 -13.41
N PHE E 169 -20.05 7.21 -13.28
CA PHE E 169 -20.68 6.33 -14.26
C PHE E 169 -20.84 6.98 -15.65
N ALA E 170 -21.34 8.18 -15.70
CA ALA E 170 -21.50 8.88 -16.97
C ALA E 170 -20.15 9.04 -17.71
N VAL E 171 -19.12 9.39 -16.94
CA VAL E 171 -17.78 9.49 -17.50
C VAL E 171 -17.24 8.14 -17.94
N ALA E 172 -17.48 7.10 -17.14
CA ALA E 172 -17.04 5.77 -17.49
C ALA E 172 -17.56 5.35 -18.87
N ARG E 173 -18.84 5.64 -19.11
CA ARG E 173 -19.47 5.28 -20.39
C ARG E 173 -18.98 6.13 -21.54
N TYR E 174 -19.08 7.44 -21.38
CA TYR E 174 -18.98 8.40 -22.49
C TYR E 174 -17.86 9.42 -22.43
N GLY E 175 -17.05 9.38 -21.37
CA GLY E 175 -16.02 10.36 -21.13
C GLY E 175 -14.62 9.86 -21.43
N THR E 176 -13.65 10.56 -20.85
CA THR E 176 -12.24 10.29 -21.08
C THR E 176 -11.49 9.96 -19.78
N PRO E 177 -10.28 9.40 -19.90
CA PRO E 177 -9.46 9.22 -18.70
C PRO E 177 -9.20 10.50 -17.86
N ALA E 178 -9.03 11.66 -18.48
CA ALA E 178 -8.85 12.92 -17.72
C ALA E 178 -10.05 13.23 -16.79
N ASP E 179 -11.26 12.93 -17.29
CA ASP E 179 -12.49 13.10 -16.53
C ASP E 179 -12.53 12.12 -15.34
N ILE E 180 -12.09 10.88 -15.59
CA ILE E 180 -11.99 9.89 -14.50
C ILE E 180 -11.06 10.43 -13.41
N ASP E 181 -9.89 10.90 -13.79
CA ASP E 181 -8.91 11.41 -12.81
C ASP E 181 -9.47 12.54 -11.95
N PHE E 182 -10.19 13.46 -12.60
CA PHE E 182 -10.80 14.56 -11.91
C PHE E 182 -11.73 14.11 -10.75
N LEU E 183 -12.62 13.18 -11.05
CA LEU E 183 -13.61 12.76 -10.08
C LEU E 183 -12.97 11.97 -8.96
N ILE E 184 -11.99 11.13 -9.29
CA ILE E 184 -11.29 10.36 -8.22
C ILE E 184 -10.57 11.28 -7.29
N LYS E 185 -9.90 12.28 -7.87
CA LYS E 185 -9.18 13.28 -7.07
C LYS E 185 -10.15 14.03 -6.09
N LYS E 186 -11.43 14.20 -6.47
CA LYS E 186 -12.45 14.79 -5.59
C LYS E 186 -13.17 13.82 -4.65
N GLY E 187 -12.76 12.56 -4.62
CA GLY E 187 -13.27 11.60 -3.66
C GLY E 187 -14.33 10.64 -4.18
N ALA E 188 -14.45 10.50 -5.49
CA ALA E 188 -15.41 9.56 -6.05
C ALA E 188 -15.02 8.17 -5.57
N ASP E 189 -16.02 7.40 -5.14
CA ASP E 189 -15.82 6.06 -4.63
C ASP E 189 -16.07 5.08 -5.78
N LEU E 190 -15.01 4.47 -6.26
CA LEU E 190 -15.08 3.53 -7.36
C LEU E 190 -15.85 2.23 -7.13
N LYS E 191 -16.01 1.85 -5.86
CA LYS E 191 -16.70 0.64 -5.49
C LYS E 191 -18.21 0.73 -5.55
N LEU E 192 -18.77 1.94 -5.67
CA LEU E 192 -20.22 2.08 -5.62
C LEU E 192 -20.88 1.34 -6.77
N LYS E 193 -22.02 0.75 -6.46
CA LYS E 193 -22.79 0.03 -7.44
C LYS E 193 -24.10 0.73 -7.72
N ASN E 194 -24.52 0.67 -8.97
CA ASN E 194 -25.83 1.17 -9.34
C ASN E 194 -26.92 0.17 -8.94
N LYS E 195 -28.17 0.48 -9.27
CA LYS E 195 -29.29 -0.39 -8.88
C LYS E 195 -29.32 -1.74 -9.60
N LYS E 196 -28.60 -1.85 -10.72
CA LYS E 196 -28.36 -3.17 -11.36
C LYS E 196 -27.18 -3.98 -10.75
N GLY E 197 -26.44 -3.39 -9.79
CA GLY E 197 -25.29 -4.07 -9.17
C GLY E 197 -23.99 -3.84 -9.93
N GLN E 198 -23.96 -2.86 -10.83
CA GLN E 198 -22.78 -2.58 -11.68
C GLN E 198 -21.94 -1.46 -11.11
N THR E 199 -20.62 -1.59 -11.22
CA THR E 199 -19.69 -0.49 -10.89
C THR E 199 -19.43 0.36 -12.11
N ALA E 200 -18.74 1.47 -11.89
CA ALA E 200 -18.33 2.30 -13.01
C ALA E 200 -17.49 1.53 -14.03
N LEU E 201 -16.60 0.70 -13.55
CA LEU E 201 -15.77 -0.13 -14.42
C LEU E 201 -16.63 -1.06 -15.26
N ASP E 202 -17.63 -1.67 -14.63
CA ASP E 202 -18.57 -2.54 -15.35
C ASP E 202 -19.25 -1.79 -16.47
N VAL E 203 -19.69 -0.55 -16.24
CA VAL E 203 -20.40 0.19 -17.32
C VAL E 203 -19.45 0.70 -18.38
N ALA E 204 -18.19 0.99 -18.02
CA ALA E 204 -17.17 1.31 -19.03
C ALA E 204 -16.94 0.14 -19.99
N LYS E 205 -16.84 -1.08 -19.43
CA LYS E 205 -16.69 -2.28 -20.24
C LYS E 205 -17.88 -2.53 -21.14
N GLU E 206 -19.09 -2.40 -20.59
CA GLU E 206 -20.32 -2.56 -21.37
C GLU E 206 -20.42 -1.55 -22.54
N ALA E 207 -19.98 -0.32 -22.30
CA ALA E 207 -19.97 0.75 -23.32
C ALA E 207 -18.81 0.62 -24.32
N SER E 208 -17.92 -0.38 -24.17
CA SER E 208 -16.70 -0.53 -24.99
C SER E 208 -15.78 0.69 -24.92
N ASN E 209 -15.76 1.36 -23.76
CA ASN E 209 -14.87 2.48 -23.56
C ASN E 209 -13.60 1.92 -22.95
N GLN E 210 -12.67 1.57 -23.82
CA GLN E 210 -11.46 0.89 -23.38
C GLN E 210 -10.56 1.84 -22.59
N ASP E 211 -10.55 3.13 -22.94
CA ASP E 211 -9.68 4.11 -22.26
C ASP E 211 -10.10 4.37 -20.83
N THR E 212 -11.41 4.54 -20.61
CA THR E 212 -11.87 4.75 -19.23
C THR E 212 -11.79 3.45 -18.40
N ALA E 213 -12.02 2.31 -19.04
CA ALA E 213 -11.89 1.02 -18.35
C ALA E 213 -10.44 0.80 -17.85
N LYS E 214 -9.48 1.11 -18.71
CA LYS E 214 -8.05 1.06 -18.36
C LYS E 214 -7.70 2.01 -17.19
N ALA E 215 -8.20 3.25 -17.26
CA ALA E 215 -8.00 4.24 -16.19
C ALA E 215 -8.62 3.78 -14.85
N LEU E 216 -9.84 3.23 -14.90
CA LEU E 216 -10.48 2.69 -13.70
C LEU E 216 -9.73 1.44 -13.20
N SER E 217 -9.11 0.68 -14.12
CA SER E 217 -8.14 -0.40 -13.79
C SER E 217 -6.67 0.10 -13.65
#